data_8UBF
#
_entry.id   8UBF
#
_cell.length_a   1.00
_cell.length_b   1.00
_cell.length_c   1.00
_cell.angle_alpha   90.00
_cell.angle_beta   90.00
_cell.angle_gamma   90.00
#
_symmetry.space_group_name_H-M   'P 1'
#
loop_
_entity.id
_entity.type
_entity.pdbx_description
1 polymer 'Reverse transcriptase'
2 polymer Avd
3 polymer 'Diversity-generating retroelement (DGR) RNA TR'
4 polymer 'Diversity-generating retroelement (DGR) RNA Sp'
#
loop_
_entity_poly.entity_id
_entity_poly.type
_entity_poly.pdbx_seq_one_letter_code
_entity_poly.pdbx_strand_id
1 'polypeptide(L)'
;MGKRHRNLIDQITTWENLLDAYRKTSHGKRRTWGYLEFKEYDLANLLALQAELKAGNYERGPYREFLVYEPKPRLISALE
FKDRLVQHALCNIVAPIFEAGLLPYTYACRPDKGTHAGVCHVQAELRRTRATHFLKSDFSKFFPSIDRAALYAMIDKKIH
CAATRRLLRVVLPDEGVGIPIGSLTSQLFANVYGGAVDRLLHDELKQRHWARYMDDIVVLGDDPEELRAVFYRLRDFASE
RLGLKISHWQVAPVSRGINFLGYRIWPTHKLLRKSSVKRAKRKVANFIKHGEDESLQRFLASWSGHAQWADTHNLFTWME
EQYGIACH
;
A
2 'polypeptide(L)'
;MEPIEEATKCYDQMLIVERYERVISYLYPIAQSIPRKHGVAREMFLKCLLGQVELFIVAGKSNQVSKLYAADAGLAMLRF
WLRFLAGIQKPHAMTPHQVETAQVLIAEVGRILGSWIARVNRKGTKVQVGEALVGDGNEVAHIDLIIGPRGSPAETAFCN
GLVNNKHGFTSLLAVIAPNLPCKPNTLMFNKVTINDARQAVQMFGPAQHGVAMAVQDAVAEGIIPADEADDLYVLVGVFI
HWEAADDAKIQKYNYEATKLSIQRAVNGEPKASVVTEQRKSATHPFAANA
;
B,C,D,E,F
3 'polyribonucleotide' CGCUGCUGCGCGGCGUCUAUGCCCAUCACCUUCUUG H
4 'polyribonucleotide'
;CAUGGCUCUGCCAACGCUACGGCUUGGCGGGCUGGCCUUUCCUCAAUAGGUGGUCAGCCGGUUCUGUCCUGCUUCGGCGA
ACACGUUACACGGUUCGGCAAAACGUCGAUUACUGAAAAUGGAAAGGCGGGGCCGACUUC
;
I
#
# COMPACT_ATOMS: atom_id res chain seq x y z
N MET A 1 10.84 3.97 41.69
CA MET A 1 10.65 4.84 42.84
C MET A 1 11.69 4.55 43.91
N GLY A 2 12.90 4.24 43.49
CA GLY A 2 13.94 3.80 44.41
C GLY A 2 13.68 2.37 44.83
N LYS A 3 14.52 1.44 44.38
CA LYS A 3 14.12 0.04 44.36
C LYS A 3 12.74 0.02 43.73
N ARG A 4 11.71 -0.31 44.52
CA ARG A 4 10.31 -0.20 44.13
C ARG A 4 10.10 -0.37 42.62
N HIS A 5 9.73 0.68 41.88
CA HIS A 5 9.26 0.53 40.50
C HIS A 5 8.05 -0.41 40.46
N ARG A 6 7.06 -0.10 41.29
CA ARG A 6 5.92 -1.01 41.47
C ARG A 6 4.68 -0.50 40.75
N ASN A 7 4.83 -0.32 39.43
CA ASN A 7 3.73 0.00 38.53
C ASN A 7 4.28 0.20 37.14
N LEU A 8 4.95 -0.82 36.60
CA LEU A 8 5.57 -0.69 35.30
C LEU A 8 4.65 -1.12 34.17
N ILE A 9 3.75 -2.06 34.45
CA ILE A 9 2.84 -2.54 33.42
C ILE A 9 1.88 -1.44 32.98
N ASP A 10 1.68 -0.41 33.82
CA ASP A 10 0.95 0.78 33.39
C ASP A 10 1.70 1.54 32.31
N GLN A 11 3.02 1.66 32.47
CA GLN A 11 3.84 2.38 31.48
C GLN A 11 4.24 1.50 30.30
N ILE A 12 4.28 0.18 30.50
CA ILE A 12 4.65 -0.72 29.41
C ILE A 12 3.56 -0.73 28.37
N THR A 13 2.31 -0.60 28.81
CA THR A 13 1.15 -0.67 27.95
C THR A 13 0.57 0.69 27.64
N THR A 14 1.14 1.77 28.15
CA THR A 14 0.75 3.07 27.62
C THR A 14 0.84 2.99 26.11
N TRP A 15 -0.20 3.49 25.45
CA TRP A 15 -0.27 3.42 24.01
C TRP A 15 0.96 4.03 23.37
N GLU A 16 1.37 5.21 23.83
CA GLU A 16 2.49 5.93 23.26
C GLU A 16 3.79 5.15 23.34
N ASN A 17 3.85 4.13 24.20
CA ASN A 17 5.00 3.23 24.32
C ASN A 17 4.94 2.08 23.32
N LEU A 18 3.77 1.46 23.15
CA LEU A 18 3.60 0.40 22.17
C LEU A 18 3.80 0.91 20.75
N LEU A 19 3.54 2.19 20.51
CA LEU A 19 3.86 2.80 19.22
C LEU A 19 5.36 2.96 19.06
N ASP A 20 6.06 3.31 20.14
CA ASP A 20 7.51 3.29 20.09
C ASP A 20 8.02 1.87 19.89
N ALA A 21 7.51 0.93 20.69
CA ALA A 21 7.84 -0.47 20.51
C ALA A 21 7.56 -0.92 19.08
N TYR A 22 6.41 -0.51 18.54
CA TYR A 22 6.09 -0.86 17.16
C TYR A 22 7.13 -0.29 16.19
N ARG A 23 7.42 1.01 16.28
CA ARG A 23 8.39 1.60 15.36
C ARG A 23 9.78 1.01 15.57
N LYS A 24 10.12 0.63 16.80
CA LYS A 24 11.41 -0.01 17.08
C LYS A 24 11.45 -1.44 16.54
N THR A 25 10.35 -2.18 16.70
CA THR A 25 10.36 -3.56 16.24
C THR A 25 10.37 -3.65 14.73
N SER A 26 9.86 -2.61 14.06
CA SER A 26 9.82 -2.58 12.61
C SER A 26 11.06 -2.01 11.96
N HIS A 27 11.92 -1.30 12.72
CA HIS A 27 13.23 -0.87 12.23
C HIS A 27 13.85 -1.96 11.39
N GLY A 28 13.82 -1.79 10.07
CA GLY A 28 14.48 -2.72 9.18
C GLY A 28 13.84 -4.10 9.05
N LYS A 29 12.93 -4.48 9.95
CA LYS A 29 12.13 -5.66 9.67
C LYS A 29 10.98 -5.36 8.74
N ARG A 30 11.07 -4.26 8.00
CA ARG A 30 10.00 -3.79 7.13
C ARG A 30 9.86 -4.61 5.85
N ARG A 31 10.60 -5.72 5.73
CA ARG A 31 10.43 -6.69 4.65
C ARG A 31 10.28 -8.08 5.21
N THR A 32 9.85 -8.21 6.46
CA THR A 32 9.56 -9.52 7.01
C THR A 32 8.06 -9.75 6.96
N TRP A 33 7.68 -10.99 6.63
CA TRP A 33 6.31 -11.44 6.73
C TRP A 33 5.61 -10.90 7.96
N GLY A 34 6.37 -10.78 9.04
CA GLY A 34 5.82 -10.36 10.31
C GLY A 34 5.37 -8.91 10.31
N TYR A 35 6.27 -8.00 9.94
CA TYR A 35 5.87 -6.60 9.80
C TYR A 35 4.73 -6.47 8.81
N LEU A 36 4.89 -7.03 7.61
CA LEU A 36 3.96 -6.81 6.51
C LEU A 36 2.59 -7.42 6.77
N GLU A 37 2.52 -8.47 7.60
CA GLU A 37 1.20 -9.00 7.95
C GLU A 37 0.60 -8.24 9.12
N PHE A 38 1.46 -7.67 9.98
CA PHE A 38 1.04 -6.82 11.10
C PHE A 38 0.71 -5.41 10.62
N LYS A 39 1.54 -4.85 9.74
CA LYS A 39 1.36 -3.49 9.25
C LYS A 39 -0.05 -3.24 8.72
N GLU A 40 -0.69 -4.28 8.15
CA GLU A 40 -2.02 -4.14 7.58
C GLU A 40 -2.95 -3.40 8.54
N TYR A 41 -3.35 -4.07 9.62
CA TYR A 41 -4.11 -3.38 10.65
C TYR A 41 -3.20 -3.14 11.85
N ASP A 42 -2.19 -2.28 11.70
CA ASP A 42 -1.18 -2.14 12.73
C ASP A 42 -1.78 -1.59 14.02
N LEU A 43 -2.55 -0.50 13.93
CA LEU A 43 -3.02 0.12 15.16
C LEU A 43 -4.22 -0.61 15.77
N ALA A 44 -4.96 -1.39 14.99
CA ALA A 44 -5.91 -2.31 15.60
C ALA A 44 -5.22 -3.53 16.22
N ASN A 45 -4.06 -3.89 15.69
CA ASN A 45 -3.27 -4.97 16.28
C ASN A 45 -2.68 -4.55 17.61
N LEU A 46 -2.06 -3.36 17.64
CA LEU A 46 -1.57 -2.79 18.88
C LEU A 46 -2.66 -2.50 19.90
N LEU A 47 -3.92 -2.45 19.48
CA LEU A 47 -5.01 -2.23 20.42
C LEU A 47 -5.48 -3.53 21.04
N ALA A 48 -5.27 -4.65 20.36
CA ALA A 48 -5.53 -5.97 20.90
C ALA A 48 -4.34 -6.54 21.65
N LEU A 49 -3.15 -5.94 21.43
CA LEU A 49 -1.94 -6.26 22.16
C LEU A 49 -1.85 -5.46 23.44
N GLN A 50 -1.96 -4.12 23.33
CA GLN A 50 -2.10 -3.30 24.52
C GLN A 50 -3.07 -3.91 25.51
N ALA A 51 -4.25 -4.29 25.03
CA ALA A 51 -5.29 -4.82 25.90
C ALA A 51 -5.12 -6.30 26.23
N GLU A 52 -4.15 -6.99 25.61
CA GLU A 52 -3.75 -8.30 26.08
C GLU A 52 -2.74 -8.18 27.22
N LEU A 53 -1.83 -7.22 27.09
CA LEU A 53 -0.86 -6.95 28.15
C LEU A 53 -1.51 -6.31 29.36
N LYS A 54 -2.41 -5.33 29.12
CA LYS A 54 -3.10 -4.60 30.16
C LYS A 54 -4.02 -5.47 30.98
N ALA A 55 -4.17 -6.74 30.58
CA ALA A 55 -5.01 -7.71 31.26
C ALA A 55 -4.21 -8.78 31.93
N GLY A 56 -3.06 -9.16 31.37
CA GLY A 56 -2.37 -10.32 31.87
C GLY A 56 -2.90 -11.53 31.13
N ASN A 57 -3.09 -11.36 29.82
CA ASN A 57 -3.40 -12.48 28.95
C ASN A 57 -2.42 -12.55 27.80
N TYR A 58 -1.31 -11.83 27.87
CA TYR A 58 -0.27 -12.03 26.88
C TYR A 58 0.39 -13.38 27.09
N GLU A 59 0.52 -14.13 26.00
CA GLU A 59 1.24 -15.38 26.00
C GLU A 59 2.14 -15.37 24.79
N ARG A 60 3.42 -15.65 25.01
CA ARG A 60 4.39 -15.58 23.93
C ARG A 60 4.07 -16.63 22.87
N GLY A 61 3.97 -16.17 21.62
CA GLY A 61 3.93 -17.08 20.51
C GLY A 61 5.25 -17.81 20.43
N PRO A 62 5.23 -19.04 19.90
CA PRO A 62 6.42 -19.90 19.96
C PRO A 62 7.69 -19.23 19.43
N TYR A 63 8.80 -19.51 20.10
CA TYR A 63 10.13 -19.19 19.58
C TYR A 63 10.41 -20.06 18.36
N ARG A 64 10.45 -19.46 17.18
CA ARG A 64 10.92 -20.18 16.00
C ARG A 64 12.42 -20.32 16.07
N GLU A 65 12.93 -21.54 15.95
CA GLU A 65 14.36 -21.75 16.12
C GLU A 65 15.02 -22.34 14.88
N SER A 77 16.85 -18.29 17.79
CA SER A 77 15.51 -18.36 18.38
C SER A 77 14.72 -17.10 18.09
N ALA A 78 14.25 -16.98 16.84
CA ALA A 78 13.50 -15.81 16.43
C ALA A 78 12.10 -15.82 17.03
N LEU A 79 11.42 -14.68 16.91
CA LEU A 79 10.07 -14.54 17.43
C LEU A 79 9.19 -13.92 16.36
N GLU A 80 7.88 -14.06 16.56
CA GLU A 80 6.95 -13.36 15.67
C GLU A 80 6.96 -11.87 16.00
N PHE A 81 6.52 -11.09 15.01
CA PHE A 81 6.56 -9.63 15.15
C PHE A 81 5.79 -9.16 16.38
N LYS A 82 4.62 -9.75 16.63
CA LYS A 82 3.87 -9.40 17.84
C LYS A 82 4.74 -9.53 19.08
N ASP A 83 5.54 -10.60 19.15
CA ASP A 83 6.35 -10.85 20.34
C ASP A 83 7.55 -9.91 20.40
N ARG A 84 8.30 -9.78 19.31
CA ARG A 84 9.44 -8.86 19.32
C ARG A 84 8.99 -7.45 19.69
N LEU A 85 7.73 -7.12 19.45
CA LEU A 85 7.13 -5.86 19.87
C LEU A 85 6.84 -5.84 21.36
N VAL A 86 6.28 -6.94 21.89
CA VAL A 86 6.11 -7.08 23.33
C VAL A 86 7.46 -7.03 24.03
N GLN A 87 8.47 -7.68 23.46
CA GLN A 87 9.80 -7.62 24.04
C GLN A 87 10.34 -6.19 24.01
N HIS A 88 10.13 -5.48 22.89
CA HIS A 88 10.55 -4.08 22.80
C HIS A 88 9.79 -3.18 23.75
N ALA A 89 8.56 -3.56 24.13
CA ALA A 89 7.71 -2.75 24.99
C ALA A 89 8.00 -2.99 26.46
N LEU A 90 8.38 -4.23 26.79
CA LEU A 90 9.07 -4.50 28.05
C LEU A 90 10.36 -3.69 28.13
N CYS A 91 11.31 -3.98 27.24
CA CYS A 91 12.68 -3.49 27.29
C CYS A 91 12.78 -2.01 26.94
N ASN A 92 11.68 -1.29 27.11
CA ASN A 92 11.64 0.16 27.06
C ASN A 92 11.38 0.77 28.42
N ILE A 93 10.75 0.01 29.30
CA ILE A 93 10.51 0.39 30.67
C ILE A 93 11.40 -0.41 31.61
N VAL A 94 11.57 -1.70 31.31
CA VAL A 94 12.32 -2.61 32.16
C VAL A 94 13.82 -2.48 31.90
N ALA A 95 14.22 -2.26 30.65
CA ALA A 95 15.66 -2.13 30.37
C ALA A 95 16.28 -0.95 31.08
N PRO A 96 15.76 0.28 31.03
CA PRO A 96 16.42 1.39 31.73
C PRO A 96 16.33 1.34 33.25
N ILE A 97 15.65 0.38 33.88
CA ILE A 97 15.78 0.22 35.32
C ILE A 97 16.75 -0.90 35.68
N PHE A 98 17.25 -1.62 34.68
CA PHE A 98 18.37 -2.55 34.83
C PHE A 98 19.68 -1.96 34.33
N GLU A 99 19.64 -1.36 33.13
CA GLU A 99 20.82 -0.75 32.53
C GLU A 99 21.30 0.48 33.27
N ALA A 100 20.59 0.88 34.34
CA ALA A 100 21.06 1.94 35.22
C ALA A 100 21.81 1.41 36.42
N GLY A 101 21.52 0.18 36.86
CA GLY A 101 22.35 -0.49 37.84
C GLY A 101 23.59 -1.12 37.26
N LEU A 102 23.65 -1.29 35.94
CA LEU A 102 24.84 -1.81 35.28
C LEU A 102 26.01 -0.87 35.47
N LEU A 103 27.06 -1.34 36.16
CA LEU A 103 28.21 -0.50 36.44
C LEU A 103 28.79 0.06 35.14
N PRO A 104 29.34 1.28 35.19
CA PRO A 104 29.75 1.96 33.96
C PRO A 104 30.66 1.13 33.08
N TYR A 105 31.50 0.31 33.69
CA TYR A 105 32.50 -0.49 33.00
C TYR A 105 31.92 -1.76 32.40
N THR A 106 30.60 -1.92 32.43
CA THR A 106 29.93 -2.92 31.61
C THR A 106 29.68 -2.30 30.24
N TYR A 107 30.25 -2.88 29.20
CA TYR A 107 30.25 -2.24 27.90
C TYR A 107 29.30 -2.87 26.90
N ALA A 108 28.53 -3.85 27.34
CA ALA A 108 27.66 -4.56 26.42
C ALA A 108 26.33 -3.85 26.29
N CYS A 109 25.62 -4.17 25.19
CA CYS A 109 24.25 -3.77 24.91
C CYS A 109 23.69 -2.72 25.86
N ARG A 110 24.39 -1.60 25.99
CA ARG A 110 23.82 -0.40 26.58
C ARG A 110 24.25 0.77 25.72
N PRO A 111 23.32 1.68 25.44
CA PRO A 111 23.63 2.85 24.61
C PRO A 111 24.86 3.60 25.09
N ASP A 112 25.64 4.12 24.14
CA ASP A 112 26.80 4.99 24.35
C ASP A 112 27.91 4.30 25.09
N LYS A 113 27.75 3.03 25.40
CA LYS A 113 28.79 2.06 25.63
C LYS A 113 28.70 1.06 24.48
N GLY A 114 29.60 0.13 24.41
CA GLY A 114 29.45 -0.76 23.29
C GLY A 114 30.78 -1.38 22.92
N THR A 115 30.93 -1.68 21.64
CA THR A 115 32.23 -2.14 21.14
C THR A 115 33.30 -1.11 21.46
N HIS A 116 33.11 0.13 21.01
CA HIS A 116 34.20 1.10 20.99
C HIS A 116 34.47 1.72 22.36
N ALA A 117 33.43 2.21 23.04
CA ALA A 117 33.66 2.87 24.33
C ALA A 117 34.29 1.92 25.34
N GLY A 118 34.08 0.63 25.16
CA GLY A 118 34.79 -0.38 25.92
C GLY A 118 36.25 -0.46 25.52
N VAL A 119 36.54 -0.71 24.24
CA VAL A 119 37.94 -0.79 23.83
C VAL A 119 38.66 0.51 24.15
N CYS A 120 37.95 1.64 24.02
CA CYS A 120 38.56 2.91 24.38
C CYS A 120 38.76 3.03 25.89
N HIS A 121 37.76 2.63 26.69
CA HIS A 121 37.98 2.58 28.13
C HIS A 121 39.20 1.75 28.48
N VAL A 122 39.33 0.57 27.85
CA VAL A 122 40.43 -0.32 28.18
C VAL A 122 41.76 0.31 27.81
N GLN A 123 41.92 0.71 26.55
CA GLN A 123 43.10 1.43 26.14
C GLN A 123 43.39 2.59 27.06
N ALA A 124 42.38 3.44 27.30
CA ALA A 124 42.55 4.57 28.20
C ALA A 124 43.03 4.14 29.58
N GLU A 125 42.27 3.23 30.21
CA GLU A 125 42.63 2.77 31.54
C GLU A 125 43.93 1.96 31.54
N LEU A 126 44.43 1.64 30.34
CA LEU A 126 45.74 1.02 30.12
C LEU A 126 46.85 2.06 30.09
N ARG A 127 46.57 3.22 29.48
CA ARG A 127 47.50 4.33 29.40
C ARG A 127 47.63 4.99 30.77
N ARG A 128 46.54 5.56 31.28
CA ARG A 128 46.51 5.89 32.69
C ARG A 128 46.52 4.59 33.50
N THR A 129 46.96 4.69 34.75
CA THR A 129 47.19 3.56 35.66
C THR A 129 48.38 2.71 35.22
N ARG A 130 48.76 2.78 33.94
CA ARG A 130 49.95 2.09 33.43
C ARG A 130 49.96 0.64 33.88
N ALA A 131 48.93 -0.10 33.46
CA ALA A 131 48.78 -1.47 33.89
C ALA A 131 49.99 -2.30 33.48
N THR A 132 50.39 -3.23 34.35
CA THR A 132 51.46 -4.13 34.00
C THR A 132 50.99 -5.56 33.76
N HIS A 133 49.69 -5.84 33.97
CA HIS A 133 49.16 -7.17 33.74
C HIS A 133 47.65 -7.08 33.50
N PHE A 134 47.05 -8.23 33.16
CA PHE A 134 45.62 -8.25 32.92
C PHE A 134 45.10 -9.68 32.99
N LEU A 135 43.91 -9.81 33.56
CA LEU A 135 43.15 -11.05 33.55
C LEU A 135 42.04 -10.92 32.52
N LYS A 136 42.04 -11.80 31.52
CA LYS A 136 40.93 -11.92 30.60
C LYS A 136 40.24 -13.25 30.84
N SER A 137 38.93 -13.21 30.96
CA SER A 137 38.15 -14.42 31.17
C SER A 137 36.96 -14.39 30.22
N ASP A 138 36.16 -15.44 30.29
CA ASP A 138 35.13 -15.66 29.30
C ASP A 138 34.22 -16.74 29.84
N PHE A 139 32.92 -16.62 29.61
CA PHE A 139 32.00 -17.59 30.17
C PHE A 139 31.68 -18.65 29.14
N SER A 140 31.88 -19.90 29.55
CA SER A 140 31.85 -21.10 28.73
C SER A 140 30.80 -21.00 27.63
N LYS A 141 29.56 -21.27 28.01
CA LYS A 141 28.40 -21.13 27.14
C LYS A 141 27.44 -20.25 27.97
N PHE A 142 27.55 -18.94 27.80
CA PHE A 142 26.97 -17.97 28.73
C PHE A 142 25.46 -18.00 28.75
N PHE A 143 24.82 -17.51 27.68
CA PHE A 143 23.36 -17.57 27.58
C PHE A 143 22.82 -18.97 27.86
N PRO A 144 23.36 -20.06 27.28
CA PRO A 144 22.83 -21.39 27.61
C PRO A 144 23.19 -21.88 29.00
N SER A 145 23.76 -21.01 29.85
CA SER A 145 24.03 -21.39 31.24
C SER A 145 23.54 -20.35 32.25
N ILE A 146 22.95 -19.25 31.80
CA ILE A 146 22.37 -18.27 32.70
C ILE A 146 21.22 -18.92 33.47
N ASP A 147 21.23 -18.74 34.80
CA ASP A 147 20.42 -19.55 35.70
C ASP A 147 18.93 -19.53 35.36
N ARG A 148 18.42 -18.40 34.85
CA ARG A 148 16.99 -18.24 34.62
C ARG A 148 16.21 -18.54 35.91
N ALA A 149 16.71 -18.01 37.03
CA ALA A 149 16.25 -18.42 38.36
C ALA A 149 16.96 -17.66 39.46
N ALA A 150 18.29 -17.51 39.32
CA ALA A 150 19.03 -16.46 40.00
C ALA A 150 19.17 -15.24 39.12
N LEU A 151 18.80 -15.35 37.85
CA LEU A 151 18.46 -14.18 37.05
C LEU A 151 17.23 -13.50 37.64
N TYR A 152 16.14 -14.26 37.81
CA TYR A 152 14.94 -13.80 38.50
C TYR A 152 15.09 -13.74 40.01
N ALA A 153 16.26 -13.34 40.46
CA ALA A 153 16.44 -12.80 41.80
C ALA A 153 17.11 -11.45 41.69
N MET A 154 17.46 -11.05 40.46
CA MET A 154 17.91 -9.73 40.06
C MET A 154 16.86 -8.99 39.24
N ILE A 155 16.08 -9.70 38.42
CA ILE A 155 14.92 -9.15 37.69
C ILE A 155 13.80 -8.94 38.69
N ASP A 156 14.10 -9.14 39.97
CA ASP A 156 13.09 -9.22 40.98
C ASP A 156 13.44 -8.47 42.26
N LYS A 157 14.70 -8.06 42.42
CA LYS A 157 15.08 -7.03 43.36
C LYS A 157 14.94 -5.65 42.74
N LYS A 158 14.40 -5.58 41.53
CA LYS A 158 14.28 -4.35 40.77
C LYS A 158 12.90 -4.10 40.16
N ILE A 159 12.07 -5.13 39.93
CA ILE A 159 10.81 -4.93 39.23
C ILE A 159 9.63 -4.77 40.18
N HIS A 160 9.52 -5.58 41.23
CA HIS A 160 8.61 -5.23 42.33
C HIS A 160 7.16 -5.02 41.92
N CYS A 161 6.83 -5.15 40.63
CA CYS A 161 5.48 -4.95 40.10
C CYS A 161 4.94 -6.31 39.63
N ALA A 162 3.90 -6.82 40.30
CA ALA A 162 3.47 -8.20 40.14
C ALA A 162 2.56 -8.36 38.90
N ALA A 163 3.16 -8.14 37.73
CA ALA A 163 2.42 -8.11 36.47
C ALA A 163 3.36 -7.78 35.32
N THR A 164 4.27 -6.84 35.56
CA THR A 164 5.52 -6.83 34.83
C THR A 164 6.27 -8.13 35.09
N ARG A 165 6.36 -8.53 36.36
CA ARG A 165 7.02 -9.78 36.72
C ARG A 165 6.40 -10.98 36.00
N ARG A 166 5.09 -10.98 35.80
CA ARG A 166 4.45 -12.10 35.13
C ARG A 166 4.55 -12.01 33.61
N LEU A 167 4.76 -10.79 33.09
CA LEU A 167 5.08 -10.59 31.69
C LEU A 167 6.53 -10.91 31.40
N LEU A 168 7.44 -10.55 32.32
CA LEU A 168 8.83 -10.99 32.22
C LEU A 168 8.91 -12.51 32.19
N ARG A 169 8.09 -13.17 33.01
CA ARG A 169 8.07 -14.63 33.13
C ARG A 169 7.34 -15.32 32.00
N VAL A 170 6.55 -14.60 31.21
CA VAL A 170 6.03 -15.16 29.96
C VAL A 170 7.09 -15.07 28.87
N VAL A 171 7.66 -13.87 28.73
CA VAL A 171 8.65 -13.60 27.70
C VAL A 171 9.92 -14.39 27.96
N LEU A 172 10.12 -14.84 29.18
CA LEU A 172 11.27 -15.63 29.60
C LEU A 172 10.86 -16.45 30.82
N PRO A 173 10.53 -17.73 30.65
CA PRO A 173 10.09 -18.52 31.81
C PRO A 173 11.14 -18.55 32.90
N ASP A 174 10.67 -18.70 34.13
CA ASP A 174 11.54 -18.82 35.29
C ASP A 174 12.08 -20.24 35.48
N GLU A 175 11.90 -21.14 34.49
CA GLU A 175 12.15 -22.58 34.67
C GLU A 175 13.05 -23.13 33.55
N GLY A 176 14.35 -23.05 33.76
CA GLY A 176 15.32 -23.63 32.84
C GLY A 176 16.70 -23.09 33.15
N VAL A 177 17.62 -23.29 32.21
CA VAL A 177 18.96 -22.70 32.33
C VAL A 177 19.38 -22.07 31.02
N GLY A 178 18.44 -21.84 30.14
CA GLY A 178 18.81 -21.30 28.86
C GLY A 178 18.04 -20.03 28.56
N ILE A 179 18.68 -18.88 28.76
CA ILE A 179 18.12 -17.66 28.20
C ILE A 179 18.02 -17.98 26.71
N PRO A 180 16.79 -18.07 26.15
CA PRO A 180 16.71 -18.23 24.69
C PRO A 180 17.52 -17.08 24.17
N ILE A 181 18.68 -17.41 23.63
CA ILE A 181 19.67 -16.41 23.39
C ILE A 181 19.17 -15.42 22.32
N GLY A 182 19.72 -14.23 22.35
CA GLY A 182 19.37 -13.23 21.36
C GLY A 182 17.90 -12.85 21.28
N SER A 183 17.40 -12.17 22.30
CA SER A 183 16.16 -11.43 22.22
C SER A 183 16.50 -9.96 22.46
N LEU A 184 15.50 -9.14 22.73
CA LEU A 184 15.80 -7.88 23.39
C LEU A 184 15.72 -8.04 24.88
N THR A 185 14.85 -8.94 25.32
CA THR A 185 14.74 -9.28 26.73
C THR A 185 15.93 -10.09 27.21
N SER A 186 16.69 -10.69 26.29
CA SER A 186 17.80 -11.56 26.67
C SER A 186 19.16 -10.87 26.64
N GLN A 187 19.41 -9.97 25.68
CA GLN A 187 20.57 -9.08 25.80
C GLN A 187 20.55 -8.37 27.13
N LEU A 188 19.41 -7.76 27.45
CA LEU A 188 19.26 -7.04 28.72
C LEU A 188 19.54 -7.97 29.89
N PHE A 189 18.82 -9.10 29.97
CA PHE A 189 18.94 -9.93 31.15
C PHE A 189 20.27 -10.65 31.24
N ALA A 190 21.04 -10.69 30.16
CA ALA A 190 22.37 -11.26 30.22
C ALA A 190 23.38 -10.24 30.74
N ASN A 191 23.25 -8.99 30.30
CA ASN A 191 24.01 -7.89 30.90
C ASN A 191 23.70 -7.76 32.38
N VAL A 192 22.41 -7.74 32.74
CA VAL A 192 22.03 -7.71 34.16
C VAL A 192 22.67 -8.87 34.89
N TYR A 193 22.61 -10.05 34.28
CA TYR A 193 23.16 -11.25 34.87
C TYR A 193 24.67 -11.15 35.06
N GLY A 194 25.38 -10.86 33.98
CA GLY A 194 26.81 -10.63 34.07
C GLY A 194 27.15 -9.37 34.84
N GLY A 195 26.17 -8.50 35.08
CA GLY A 195 26.37 -7.43 36.04
C GLY A 195 26.56 -7.92 37.45
N ALA A 196 26.15 -9.16 37.75
CA ALA A 196 26.42 -9.72 39.07
C ALA A 196 27.91 -9.95 39.29
N VAL A 197 28.64 -10.32 38.23
CA VAL A 197 30.08 -10.49 38.42
C VAL A 197 30.78 -9.14 38.46
N ASP A 198 30.20 -8.11 37.83
CA ASP A 198 30.70 -6.74 38.00
C ASP A 198 30.58 -6.28 39.44
N ARG A 199 29.54 -6.73 40.13
CA ARG A 199 29.35 -6.37 41.53
C ARG A 199 29.93 -7.42 42.46
N LEU A 200 30.74 -8.33 41.91
CA LEU A 200 31.70 -9.11 42.66
C LEU A 200 33.13 -8.72 42.31
N LEU A 201 33.30 -7.79 41.37
CA LEU A 201 34.60 -7.20 41.05
C LEU A 201 34.78 -5.86 41.71
N HIS A 202 33.79 -4.99 41.51
CA HIS A 202 33.80 -3.62 41.96
C HIS A 202 33.34 -3.49 43.40
N ASP A 203 32.34 -4.29 43.79
CA ASP A 203 31.82 -4.20 45.14
C ASP A 203 32.63 -5.07 46.08
N GLU A 204 32.35 -6.37 46.12
CA GLU A 204 33.33 -7.30 46.65
C GLU A 204 34.56 -7.28 45.73
N LEU A 205 35.71 -7.72 46.26
CA LEU A 205 36.95 -7.86 45.49
C LEU A 205 37.66 -6.55 45.16
N LYS A 206 36.94 -5.44 45.20
CA LYS A 206 37.45 -4.08 44.93
C LYS A 206 38.54 -3.98 43.85
N GLN A 207 38.25 -4.41 42.63
CA GLN A 207 39.11 -4.17 41.49
C GLN A 207 38.48 -3.08 40.65
N ARG A 208 39.29 -2.12 40.19
CA ARG A 208 38.75 -0.93 39.54
C ARG A 208 39.16 -0.70 38.10
N HIS A 209 39.95 -1.58 37.50
CA HIS A 209 40.38 -1.41 36.11
C HIS A 209 39.96 -2.65 35.37
N TRP A 210 38.74 -2.63 34.88
CA TRP A 210 38.20 -3.76 34.18
C TRP A 210 37.28 -3.26 33.09
N ALA A 211 36.76 -4.21 32.33
CA ALA A 211 35.72 -3.99 31.35
C ALA A 211 35.09 -5.36 31.19
N ARG A 212 33.77 -5.39 31.10
CA ARG A 212 33.09 -6.61 30.72
C ARG A 212 32.23 -6.29 29.53
N TYR A 213 32.37 -7.08 28.47
CA TYR A 213 31.42 -6.99 27.37
C TYR A 213 30.73 -8.34 27.26
N MET A 214 29.46 -8.34 27.65
CA MET A 214 28.65 -9.53 27.93
C MET A 214 29.42 -10.60 28.68
N ASP A 215 29.99 -11.58 27.97
CA ASP A 215 30.65 -12.68 28.64
C ASP A 215 32.16 -12.54 28.76
N ASP A 216 32.80 -11.61 28.03
CA ASP A 216 34.25 -11.40 28.16
C ASP A 216 34.59 -10.29 29.14
N ILE A 217 35.62 -10.52 29.95
CA ILE A 217 35.93 -9.71 31.14
C ILE A 217 37.44 -9.46 31.20
N VAL A 218 37.87 -8.27 30.80
CA VAL A 218 39.25 -7.84 30.95
C VAL A 218 39.46 -7.24 32.33
N VAL A 219 40.59 -7.56 32.98
CA VAL A 219 40.82 -7.04 34.33
C VAL A 219 42.28 -6.60 34.52
N LEU A 220 42.64 -5.44 33.95
CA LEU A 220 44.01 -4.97 34.02
C LEU A 220 44.52 -4.91 35.45
N GLY A 221 45.72 -5.41 35.66
CA GLY A 221 46.34 -5.28 36.96
C GLY A 221 47.68 -4.59 36.91
N ASP A 222 48.60 -5.12 37.69
CA ASP A 222 49.97 -4.65 37.83
C ASP A 222 50.66 -5.82 38.49
N ASP A 223 49.91 -6.51 39.34
CA ASP A 223 50.35 -7.75 39.94
C ASP A 223 49.67 -8.89 39.22
N PRO A 224 50.35 -9.61 38.33
CA PRO A 224 49.75 -10.79 37.71
C PRO A 224 49.30 -11.83 38.72
N GLU A 225 49.83 -11.78 39.94
CA GLU A 225 49.36 -12.68 40.98
C GLU A 225 48.03 -12.21 41.55
N GLU A 226 47.81 -10.88 41.61
CA GLU A 226 46.51 -10.35 42.03
C GLU A 226 45.43 -10.71 41.02
N LEU A 227 45.75 -10.53 39.74
CA LEU A 227 44.77 -10.92 38.69
C LEU A 227 44.43 -12.38 38.91
N ARG A 228 45.43 -13.22 39.11
CA ARG A 228 45.10 -14.63 39.22
C ARG A 228 44.18 -14.86 40.41
N ALA A 229 44.42 -14.15 41.52
CA ALA A 229 43.48 -14.16 42.63
C ALA A 229 42.09 -13.74 42.17
N VAL A 230 41.97 -12.51 41.64
CA VAL A 230 40.72 -11.98 41.10
C VAL A 230 40.02 -13.05 40.30
N PHE A 231 40.75 -13.73 39.41
CA PHE A 231 40.11 -14.75 38.59
C PHE A 231 39.58 -15.88 39.43
N TYR A 232 40.41 -16.44 40.31
CA TYR A 232 39.94 -17.51 41.19
C TYR A 232 38.69 -17.07 41.93
N ARG A 233 38.68 -15.84 42.44
CA ARG A 233 37.50 -15.36 43.15
C ARG A 233 36.33 -15.19 42.21
N LEU A 234 36.59 -14.79 40.97
CA LEU A 234 35.53 -14.61 39.96
C LEU A 234 34.93 -15.96 39.55
N ARG A 235 35.78 -16.97 39.38
CA ARG A 235 35.32 -18.29 39.00
C ARG A 235 34.53 -18.94 40.11
N ASP A 236 35.08 -18.92 41.33
CA ASP A 236 34.36 -19.44 42.50
C ASP A 236 33.00 -18.79 42.65
N PHE A 237 32.93 -17.46 42.50
CA PHE A 237 31.63 -16.79 42.54
C PHE A 237 30.73 -17.28 41.43
N ALA A 238 31.13 -17.05 40.18
CA ALA A 238 30.27 -17.35 39.04
C ALA A 238 29.98 -18.84 38.91
N SER A 239 30.73 -19.71 39.59
CA SER A 239 30.34 -21.12 39.63
C SER A 239 29.30 -21.36 40.71
N GLU A 240 29.44 -20.71 41.88
CA GLU A 240 28.53 -20.99 42.97
C GLU A 240 27.26 -20.15 42.91
N ARG A 241 27.34 -18.91 42.43
CA ARG A 241 26.18 -18.03 42.50
C ARG A 241 25.43 -17.87 41.18
N LEU A 242 26.11 -17.91 40.04
CA LEU A 242 25.42 -17.79 38.75
C LEU A 242 25.38 -19.10 37.98
N GLY A 243 26.40 -19.94 38.10
CA GLY A 243 26.42 -21.20 37.39
C GLY A 243 27.01 -21.10 36.00
N LEU A 244 28.08 -20.31 35.85
CA LEU A 244 28.78 -20.19 34.59
C LEU A 244 30.26 -20.51 34.82
N LYS A 245 30.83 -21.28 33.91
CA LYS A 245 32.24 -21.63 33.96
C LYS A 245 33.05 -20.68 33.06
N ILE A 246 34.37 -20.76 33.20
CA ILE A 246 35.28 -19.90 32.45
C ILE A 246 35.95 -20.73 31.36
N SER A 247 35.58 -20.46 30.10
CA SER A 247 36.14 -21.12 28.94
C SER A 247 37.65 -20.90 28.83
N HIS A 248 38.05 -19.68 28.49
CA HIS A 248 39.46 -19.30 28.46
C HIS A 248 39.77 -18.28 29.54
N TRP A 249 40.98 -18.37 30.07
CA TRP A 249 41.52 -17.28 30.85
C TRP A 249 43.03 -17.23 30.65
N GLN A 250 43.62 -16.09 31.00
CA GLN A 250 45.06 -15.94 31.01
C GLN A 250 45.42 -14.77 31.91
N VAL A 251 46.63 -14.83 32.44
CA VAL A 251 47.23 -13.71 33.17
C VAL A 251 48.55 -13.43 32.48
N ALA A 252 48.52 -12.54 31.51
CA ALA A 252 49.69 -12.11 30.79
C ALA A 252 49.98 -10.65 31.09
N PRO A 253 51.18 -10.16 30.79
CA PRO A 253 51.38 -8.70 30.80
C PRO A 253 50.67 -8.06 29.62
N VAL A 254 50.70 -6.74 29.52
CA VAL A 254 50.12 -6.07 28.36
C VAL A 254 51.12 -6.12 27.22
N SER A 255 51.70 -7.30 26.99
CA SER A 255 52.51 -7.56 25.81
C SER A 255 51.84 -8.54 24.87
N ARG A 256 50.98 -9.41 25.43
CA ARG A 256 50.01 -10.13 24.62
C ARG A 256 49.03 -9.18 23.96
N GLY A 257 48.76 -8.04 24.59
CA GLY A 257 47.78 -7.09 24.07
C GLY A 257 46.40 -7.64 24.30
N ILE A 258 45.64 -7.07 25.24
CA ILE A 258 44.36 -7.64 25.64
C ILE A 258 43.51 -7.89 24.40
N ASN A 259 43.22 -9.17 24.15
CA ASN A 259 42.42 -9.59 23.00
C ASN A 259 40.94 -9.29 23.24
N PHE A 260 40.66 -8.01 23.42
CA PHE A 260 39.36 -7.56 23.87
C PHE A 260 38.55 -7.03 22.70
N LEU A 261 37.45 -7.70 22.39
CA LEU A 261 36.39 -7.14 21.56
C LEU A 261 36.79 -7.01 20.10
N GLY A 262 37.66 -7.90 19.61
CA GLY A 262 38.08 -7.89 18.23
C GLY A 262 39.40 -7.20 17.98
N TYR A 263 39.94 -6.54 18.99
CA TYR A 263 41.18 -5.81 18.89
C TYR A 263 42.20 -6.48 19.78
N ARG A 264 43.43 -6.02 19.70
CA ARG A 264 44.47 -6.45 20.62
C ARG A 264 45.06 -5.15 21.13
N ILE A 265 44.73 -4.82 22.37
CA ILE A 265 44.79 -3.44 22.84
C ILE A 265 46.00 -3.30 23.74
N TRP A 266 47.07 -2.79 23.16
CA TRP A 266 48.21 -2.34 23.92
C TRP A 266 47.93 -0.94 24.47
N PRO A 267 48.67 -0.50 25.48
CA PRO A 267 48.53 0.91 25.87
C PRO A 267 48.83 1.85 24.71
N THR A 268 49.85 1.52 23.92
CA THR A 268 50.27 2.31 22.79
C THR A 268 49.32 2.19 21.61
N HIS A 269 49.58 1.22 20.75
CA HIS A 269 48.78 1.00 19.56
C HIS A 269 47.55 0.18 19.91
N LYS A 270 46.81 -0.22 18.90
CA LYS A 270 45.57 -0.95 19.11
C LYS A 270 45.26 -1.74 17.85
N LEU A 271 46.10 -2.72 17.54
CA LEU A 271 45.85 -3.63 16.44
C LEU A 271 44.47 -4.26 16.60
N LEU A 272 43.76 -4.39 15.50
CA LEU A 272 42.51 -5.15 15.53
C LEU A 272 42.83 -6.63 15.34
N ARG A 273 41.95 -7.39 14.70
CA ARG A 273 42.19 -8.82 14.53
C ARG A 273 41.56 -9.30 13.23
N LYS A 274 41.76 -10.59 12.92
CA LYS A 274 41.30 -11.20 11.68
C LYS A 274 39.89 -11.78 11.88
N SER A 275 39.41 -12.61 10.94
CA SER A 275 37.98 -12.96 10.95
C SER A 275 37.76 -14.35 10.35
N SER A 276 37.59 -15.35 11.21
CA SER A 276 36.87 -16.55 10.81
C SER A 276 35.44 -16.21 10.42
N VAL A 277 34.94 -15.07 10.91
CA VAL A 277 33.74 -14.40 10.43
C VAL A 277 33.61 -14.60 8.92
N LYS A 278 34.61 -14.13 8.18
CA LYS A 278 34.60 -14.23 6.72
C LYS A 278 34.40 -15.67 6.26
N ARG A 279 35.17 -16.60 6.83
CA ARG A 279 34.98 -18.02 6.55
C ARG A 279 33.54 -18.42 6.80
N ALA A 280 32.99 -17.98 7.94
CA ALA A 280 31.62 -18.34 8.31
C ALA A 280 30.59 -17.66 7.41
N LYS A 281 30.70 -16.34 7.27
CA LYS A 281 29.81 -15.62 6.34
C LYS A 281 29.81 -16.29 4.97
N ARG A 282 31.00 -16.51 4.41
CA ARG A 282 31.09 -17.19 3.13
C ARG A 282 30.48 -18.59 3.21
N LYS A 283 30.79 -19.35 4.27
CA LYS A 283 30.20 -20.68 4.43
C LYS A 283 28.68 -20.61 4.41
N VAL A 284 28.12 -19.69 5.19
CA VAL A 284 26.67 -19.50 5.23
C VAL A 284 26.13 -19.12 3.86
N ALA A 285 26.68 -18.04 3.29
CA ALA A 285 26.24 -17.58 1.97
C ALA A 285 26.28 -18.71 0.95
N ASN A 286 27.39 -19.46 0.92
CA ASN A 286 27.48 -20.63 0.05
C ASN A 286 26.35 -21.61 0.32
N PHE A 287 26.23 -22.04 1.59
CA PHE A 287 25.16 -22.97 1.99
C PHE A 287 23.80 -22.51 1.48
N ILE A 288 23.52 -21.20 1.56
CA ILE A 288 22.26 -20.66 1.09
C ILE A 288 22.11 -20.91 -0.41
N LYS A 289 23.07 -20.43 -1.20
CA LYS A 289 23.12 -20.60 -2.64
C LYS A 289 23.76 -21.92 -3.05
N HIS A 290 23.56 -22.96 -2.25
CA HIS A 290 23.86 -24.33 -2.61
C HIS A 290 22.64 -25.22 -2.36
N GLY A 291 21.56 -24.66 -1.82
CA GLY A 291 20.42 -25.45 -1.39
C GLY A 291 20.71 -26.32 -0.20
N GLU A 292 21.81 -26.05 0.53
CA GLU A 292 22.24 -26.88 1.64
C GLU A 292 21.96 -26.17 2.96
N ASP A 293 20.72 -25.71 3.13
CA ASP A 293 20.30 -24.92 4.28
C ASP A 293 19.86 -25.79 5.45
N GLU A 294 20.40 -27.01 5.55
CA GLU A 294 20.02 -27.98 6.58
C GLU A 294 21.27 -28.56 7.23
N SER A 295 22.35 -28.66 6.45
CA SER A 295 23.69 -28.82 6.99
C SER A 295 24.24 -27.49 7.49
N LEU A 296 23.67 -26.39 7.00
CA LEU A 296 23.98 -25.07 7.54
C LEU A 296 23.54 -24.95 8.99
N GLN A 297 22.44 -25.60 9.36
CA GLN A 297 22.03 -25.59 10.76
C GLN A 297 23.04 -26.33 11.63
N ARG A 298 23.61 -27.41 11.11
CA ARG A 298 24.71 -28.09 11.80
C ARG A 298 25.92 -27.17 11.91
N PHE A 299 26.37 -26.62 10.77
CA PHE A 299 27.47 -25.67 10.80
C PHE A 299 27.16 -24.50 11.73
N LEU A 300 25.95 -23.94 11.60
CA LEU A 300 25.59 -22.80 12.43
C LEU A 300 25.69 -23.14 13.91
N ALA A 301 25.12 -24.28 14.30
CA ALA A 301 25.24 -24.75 15.68
C ALA A 301 26.69 -24.87 16.10
N SER A 302 27.54 -25.39 15.21
CA SER A 302 28.97 -25.46 15.48
C SER A 302 29.55 -24.07 15.71
N TRP A 303 29.44 -23.20 14.70
CA TRP A 303 30.02 -21.86 14.82
C TRP A 303 29.36 -21.05 15.91
N SER A 304 28.13 -21.39 16.31
CA SER A 304 27.50 -20.74 17.45
C SER A 304 28.14 -21.16 18.77
N GLY A 305 28.90 -22.26 18.77
CA GLY A 305 29.69 -22.64 19.92
C GLY A 305 31.05 -21.99 19.93
N HIS A 306 31.72 -21.94 18.76
CA HIS A 306 33.00 -21.24 18.66
C HIS A 306 32.84 -19.74 18.90
N ALA A 307 31.61 -19.23 18.80
CA ALA A 307 31.36 -17.81 18.93
C ALA A 307 30.50 -17.45 20.13
N GLN A 308 29.99 -18.43 20.87
CA GLN A 308 29.36 -18.12 22.16
C GLN A 308 30.41 -17.70 23.18
N TRP A 309 31.66 -18.15 23.04
CA TRP A 309 32.71 -17.49 23.81
C TRP A 309 32.87 -16.07 23.29
N ALA A 310 32.79 -15.88 21.98
CA ALA A 310 32.93 -14.55 21.42
C ALA A 310 31.65 -13.75 21.64
N ASP A 311 31.61 -12.54 21.08
CA ASP A 311 30.46 -11.65 21.23
C ASP A 311 29.78 -11.49 19.88
N THR A 312 29.18 -12.58 19.44
CA THR A 312 28.54 -12.64 18.13
C THR A 312 27.03 -12.50 18.23
N HIS A 313 26.55 -11.59 19.09
CA HIS A 313 25.12 -11.30 19.06
C HIS A 313 24.78 -10.50 17.81
N ASN A 314 25.36 -9.30 17.67
CA ASN A 314 25.11 -8.48 16.48
C ASN A 314 25.29 -9.29 15.21
N LEU A 315 26.35 -10.09 15.14
CA LEU A 315 26.62 -10.89 13.95
C LEU A 315 25.55 -11.95 13.74
N PHE A 316 25.05 -12.55 14.82
CA PHE A 316 23.99 -13.54 14.69
C PHE A 316 22.68 -12.89 14.27
N THR A 317 22.33 -11.74 14.85
CA THR A 317 21.21 -10.97 14.31
C THR A 317 21.43 -10.70 12.84
N TRP A 318 22.61 -10.18 12.49
CA TRP A 318 22.91 -9.84 11.11
C TRP A 318 22.71 -11.02 10.17
N MET A 319 23.18 -12.20 10.56
CA MET A 319 23.04 -13.36 9.67
C MET A 319 21.60 -13.86 9.63
N GLU A 320 20.84 -13.68 10.71
CA GLU A 320 19.42 -13.98 10.69
C GLU A 320 18.65 -13.00 9.81
N GLU A 321 19.13 -11.76 9.71
CA GLU A 321 18.46 -10.75 8.90
C GLU A 321 18.75 -10.91 7.41
N GLN A 322 19.97 -11.32 7.05
CA GLN A 322 20.28 -11.54 5.65
C GLN A 322 19.24 -12.43 5.00
N TYR A 323 18.71 -13.39 5.75
CA TYR A 323 17.68 -14.29 5.27
C TYR A 323 16.57 -14.41 6.30
N GLY A 324 16.61 -15.47 7.11
CA GLY A 324 15.62 -15.69 8.15
C GLY A 324 16.00 -16.87 9.03
N ILE A 325 17.03 -17.61 8.61
CA ILE A 325 17.49 -18.80 9.32
C ILE A 325 17.95 -18.46 10.73
N ALA A 326 17.22 -18.93 11.73
CA ALA A 326 17.49 -18.62 13.13
C ALA A 326 18.80 -19.26 13.57
N CYS A 327 19.79 -18.43 13.90
CA CYS A 327 21.10 -18.94 14.32
C CYS A 327 21.00 -19.66 15.66
N HIS A 328 20.29 -19.08 16.62
CA HIS A 328 20.11 -19.73 17.89
C HIS A 328 18.97 -20.73 17.81
N MET B 1 -2.56 -12.93 20.66
CA MET B 1 -3.28 -11.90 19.93
C MET B 1 -3.50 -12.33 18.49
N GLU B 2 -2.38 -12.66 17.84
CA GLU B 2 -2.32 -13.15 16.46
C GLU B 2 -2.92 -12.11 15.52
N PRO B 3 -2.08 -11.33 14.84
CA PRO B 3 -2.57 -10.17 14.09
C PRO B 3 -3.73 -10.49 13.17
N ILE B 4 -4.73 -9.62 13.20
CA ILE B 4 -5.81 -9.58 12.23
C ILE B 4 -5.34 -10.14 10.90
N GLU B 5 -5.81 -11.33 10.56
CA GLU B 5 -5.42 -11.97 9.31
C GLU B 5 -6.38 -11.52 8.22
N GLU B 6 -5.85 -10.84 7.21
CA GLU B 6 -6.62 -10.68 5.99
C GLU B 6 -6.59 -12.00 5.22
N ALA B 7 -7.48 -12.13 4.25
CA ALA B 7 -7.42 -13.33 3.44
C ALA B 7 -6.48 -13.12 2.26
N THR B 8 -6.30 -14.17 1.46
CA THR B 8 -5.38 -14.21 0.32
C THR B 8 -4.12 -13.39 0.53
N LYS B 9 -3.23 -13.83 1.40
CA LYS B 9 -2.03 -13.08 1.75
C LYS B 9 -0.90 -13.46 0.80
N CYS B 10 -0.44 -12.50 0.01
CA CYS B 10 0.71 -12.68 -0.86
C CYS B 10 1.83 -11.79 -0.34
N TYR B 11 2.84 -12.42 0.29
CA TYR B 11 4.00 -11.68 0.79
C TYR B 11 4.42 -10.64 -0.23
N ASP B 12 4.47 -11.05 -1.49
CA ASP B 12 4.94 -10.17 -2.55
C ASP B 12 4.08 -8.92 -2.66
N GLN B 13 2.75 -9.06 -2.64
CA GLN B 13 1.91 -7.86 -2.70
C GLN B 13 2.14 -6.97 -1.49
N MET B 14 2.26 -7.57 -0.30
CA MET B 14 2.50 -6.79 0.91
C MET B 14 3.83 -6.06 0.84
N LEU B 15 4.90 -6.76 0.47
CA LEU B 15 6.20 -6.14 0.31
C LEU B 15 6.17 -5.05 -0.74
N ILE B 16 5.53 -5.32 -1.88
CA ILE B 16 5.58 -4.39 -3.00
C ILE B 16 4.73 -3.15 -2.70
N VAL B 17 3.61 -3.32 -2.01
CA VAL B 17 2.80 -2.16 -1.61
C VAL B 17 3.57 -1.33 -0.61
N GLU B 18 4.22 -2.00 0.34
CA GLU B 18 5.03 -1.28 1.32
C GLU B 18 6.17 -0.50 0.68
N ARG B 19 6.81 -1.10 -0.34
CA ARG B 19 7.89 -0.38 -1.02
C ARG B 19 7.33 0.68 -1.97
N TYR B 20 6.21 0.39 -2.62
CA TYR B 20 5.56 1.39 -3.46
C TYR B 20 5.07 2.56 -2.63
N GLU B 21 4.69 2.32 -1.37
CA GLU B 21 4.32 3.43 -0.50
C GLU B 21 5.44 4.44 -0.37
N ARG B 22 6.70 4.00 -0.48
CA ARG B 22 7.81 4.95 -0.47
C ARG B 22 7.88 5.77 -1.75
N VAL B 23 7.56 5.15 -2.89
CA VAL B 23 7.40 5.92 -4.13
C VAL B 23 6.35 7.00 -3.95
N ILE B 24 5.14 6.60 -3.54
CA ILE B 24 4.06 7.55 -3.26
C ILE B 24 4.53 8.61 -2.28
N SER B 25 5.12 8.17 -1.17
CA SER B 25 5.56 9.14 -0.17
C SER B 25 6.59 10.11 -0.73
N TYR B 26 7.29 9.74 -1.80
CA TYR B 26 8.23 10.66 -2.42
C TYR B 26 7.57 11.48 -3.53
N LEU B 27 6.94 10.80 -4.49
CA LEU B 27 6.41 11.47 -5.67
C LEU B 27 5.14 12.25 -5.37
N TYR B 28 4.28 11.75 -4.48
CA TYR B 28 3.06 12.46 -4.15
C TYR B 28 3.35 13.90 -3.71
N PRO B 29 4.29 14.15 -2.79
CA PRO B 29 4.63 15.55 -2.47
C PRO B 29 4.99 16.39 -3.68
N ILE B 30 5.71 15.86 -4.66
CA ILE B 30 6.09 16.70 -5.80
C ILE B 30 5.06 16.63 -6.92
N ALA B 31 4.10 15.69 -6.84
CA ALA B 31 2.90 15.76 -7.67
C ALA B 31 1.95 16.85 -7.22
N GLN B 32 1.95 17.14 -5.92
CA GLN B 32 1.11 18.17 -5.33
C GLN B 32 1.77 19.54 -5.39
N SER B 33 3.06 19.60 -5.74
CA SER B 33 3.74 20.85 -5.97
C SER B 33 3.56 21.37 -7.39
N ILE B 34 3.19 20.50 -8.33
CA ILE B 34 2.87 20.92 -9.69
C ILE B 34 1.81 22.00 -9.63
N PRO B 35 2.00 23.13 -10.29
CA PRO B 35 1.13 24.30 -10.08
C PRO B 35 -0.33 24.04 -10.40
N ARG B 36 -1.15 25.04 -10.02
CA ARG B 36 -2.54 25.18 -10.42
C ARG B 36 -2.80 24.64 -11.82
N LYS B 37 -2.50 25.47 -12.83
CA LYS B 37 -2.37 24.95 -14.18
C LYS B 37 -1.35 23.81 -14.18
N HIS B 38 -1.54 22.85 -15.09
CA HIS B 38 -1.00 21.49 -14.96
C HIS B 38 -1.70 20.74 -13.83
N GLY B 39 -2.98 21.07 -13.63
CA GLY B 39 -3.83 20.38 -12.68
C GLY B 39 -4.38 19.10 -13.25
N VAL B 40 -4.72 19.11 -14.54
CA VAL B 40 -5.20 17.87 -15.15
C VAL B 40 -4.07 16.86 -15.24
N ALA B 41 -2.88 17.30 -15.68
CA ALA B 41 -1.73 16.42 -15.66
C ALA B 41 -1.50 15.87 -14.26
N ARG B 42 -1.59 16.72 -13.24
CA ARG B 42 -1.43 16.28 -11.86
C ARG B 42 -2.49 15.24 -11.48
N GLU B 43 -3.76 15.57 -11.67
CA GLU B 43 -4.83 14.63 -11.31
C GLU B 43 -4.63 13.29 -12.00
N MET B 44 -4.21 13.31 -13.27
CA MET B 44 -3.95 12.07 -13.98
C MET B 44 -2.71 11.37 -13.45
N PHE B 45 -1.67 12.14 -13.10
CA PHE B 45 -0.50 11.54 -12.48
C PHE B 45 -0.85 10.96 -11.11
N LEU B 46 -1.58 11.71 -10.30
CA LEU B 46 -2.00 11.21 -9.00
C LEU B 46 -2.84 9.96 -9.11
N LYS B 47 -3.74 9.91 -10.10
CA LYS B 47 -4.53 8.70 -10.26
C LYS B 47 -3.69 7.54 -10.77
N CYS B 48 -2.57 7.83 -11.44
CA CYS B 48 -1.64 6.76 -11.81
C CYS B 48 -0.78 6.35 -10.62
N LEU B 49 -0.36 7.33 -9.83
CA LEU B 49 0.53 7.10 -8.70
C LEU B 49 -0.21 6.37 -7.58
N LEU B 50 -1.21 7.03 -6.99
CA LEU B 50 -2.03 6.46 -5.93
C LEU B 50 -2.86 5.28 -6.39
N GLY B 51 -2.96 5.02 -7.69
CA GLY B 51 -3.87 4.01 -8.20
C GLY B 51 -3.13 2.74 -8.57
N GLN B 52 -1.81 2.83 -8.56
CA GLN B 52 -0.98 1.64 -8.76
C GLN B 52 -1.04 0.72 -7.55
N VAL B 53 -1.22 1.28 -6.35
CA VAL B 53 -1.41 0.47 -5.16
C VAL B 53 -2.58 -0.49 -5.33
N GLU B 54 -3.70 0.00 -5.86
CA GLU B 54 -4.83 -0.90 -6.10
C GLU B 54 -4.45 -1.98 -7.10
N LEU B 55 -3.68 -1.64 -8.13
CA LEU B 55 -3.24 -2.62 -9.11
C LEU B 55 -2.46 -3.74 -8.46
N PHE B 56 -1.48 -3.39 -7.62
CA PHE B 56 -0.74 -4.39 -6.86
C PHE B 56 -1.68 -5.19 -5.96
N ILE B 57 -2.50 -4.48 -5.19
CA ILE B 57 -3.33 -5.13 -4.18
C ILE B 57 -4.29 -6.12 -4.83
N VAL B 58 -4.98 -5.71 -5.90
CA VAL B 58 -5.88 -6.65 -6.55
C VAL B 58 -5.11 -7.81 -7.17
N ALA B 59 -3.89 -7.55 -7.65
CA ALA B 59 -3.05 -8.65 -8.14
C ALA B 59 -2.74 -9.62 -7.03
N GLY B 60 -2.48 -9.13 -5.83
CA GLY B 60 -2.14 -10.02 -4.74
C GLY B 60 -3.30 -10.91 -4.32
N LYS B 61 -4.51 -10.35 -4.21
CA LYS B 61 -5.63 -11.15 -3.73
C LYS B 61 -6.17 -12.08 -4.82
N SER B 62 -6.67 -11.51 -5.91
CA SER B 62 -7.13 -12.30 -7.03
C SER B 62 -5.91 -12.82 -7.77
N ASN B 63 -5.41 -13.97 -7.32
CA ASN B 63 -4.22 -14.52 -7.92
C ASN B 63 -4.51 -14.88 -9.38
N GLN B 64 -4.24 -13.91 -10.26
CA GLN B 64 -4.30 -14.02 -11.71
C GLN B 64 -3.17 -13.15 -12.27
N VAL B 65 -2.38 -13.72 -13.18
CA VAL B 65 -1.16 -13.08 -13.64
C VAL B 65 -1.42 -11.83 -14.47
N SER B 66 -2.59 -11.75 -15.12
CA SER B 66 -2.96 -10.55 -15.86
C SER B 66 -2.89 -9.31 -15.00
N LYS B 67 -3.29 -9.43 -13.73
CA LYS B 67 -3.29 -8.27 -12.85
C LYS B 67 -1.88 -7.83 -12.47
N LEU B 68 -0.93 -8.78 -12.46
CA LEU B 68 0.47 -8.44 -12.21
C LEU B 68 1.08 -7.67 -13.36
N TYR B 69 0.69 -7.99 -14.59
CA TYR B 69 1.15 -7.25 -15.76
C TYR B 69 0.50 -5.89 -15.84
N ALA B 70 -0.77 -5.78 -15.41
CA ALA B 70 -1.43 -4.50 -15.33
C ALA B 70 -0.74 -3.59 -14.32
N ALA B 71 -0.23 -4.17 -13.24
CA ALA B 71 0.57 -3.41 -12.28
C ALA B 71 1.86 -2.91 -12.92
N ASP B 72 2.49 -3.75 -13.75
CA ASP B 72 3.70 -3.34 -14.47
C ASP B 72 3.39 -2.22 -15.46
N ALA B 73 2.29 -2.36 -16.22
CA ALA B 73 1.85 -1.30 -17.12
C ALA B 73 1.64 0.01 -16.36
N GLY B 74 1.07 -0.05 -15.16
CA GLY B 74 0.87 1.17 -14.40
C GLY B 74 2.16 1.80 -13.94
N LEU B 75 3.14 0.98 -13.55
CA LEU B 75 4.45 1.47 -13.18
C LEU B 75 5.20 1.99 -14.39
N ALA B 76 5.31 1.17 -15.44
CA ALA B 76 5.85 1.65 -16.71
C ALA B 76 5.26 3.01 -17.09
N MET B 77 3.94 3.16 -16.89
CA MET B 77 3.32 4.46 -17.08
C MET B 77 3.79 5.48 -16.04
N LEU B 78 4.03 5.03 -14.80
CA LEU B 78 4.59 5.93 -13.80
C LEU B 78 6.00 6.37 -14.21
N ARG B 79 6.77 5.45 -14.79
CA ARG B 79 8.07 5.83 -15.34
C ARG B 79 7.91 6.83 -16.50
N PHE B 80 6.91 6.63 -17.36
CA PHE B 80 6.61 7.66 -18.35
C PHE B 80 6.30 8.99 -17.68
N TRP B 81 5.39 8.97 -16.71
CA TRP B 81 4.95 10.18 -16.03
C TRP B 81 6.13 10.93 -15.42
N LEU B 82 7.12 10.21 -14.90
CA LEU B 82 8.36 10.86 -14.49
C LEU B 82 8.94 11.70 -15.62
N ARG B 83 9.22 11.05 -16.76
CA ARG B 83 9.68 11.77 -17.94
C ARG B 83 8.77 12.96 -18.26
N PHE B 84 7.46 12.76 -18.17
CA PHE B 84 6.54 13.82 -18.53
C PHE B 84 6.71 15.04 -17.62
N LEU B 85 6.46 14.86 -16.32
CA LEU B 85 6.60 16.00 -15.41
C LEU B 85 8.02 16.54 -15.36
N ALA B 86 9.02 15.70 -15.66
CA ALA B 86 10.39 16.17 -15.76
C ALA B 86 10.51 17.32 -16.74
N GLY B 87 10.22 17.07 -18.01
CA GLY B 87 10.46 18.08 -19.02
C GLY B 87 9.23 18.72 -19.61
N ILE B 88 8.28 17.90 -20.09
CA ILE B 88 7.17 18.40 -20.90
C ILE B 88 6.33 19.40 -20.11
N GLN B 89 6.13 19.15 -18.82
CA GLN B 89 5.57 20.17 -17.95
C GLN B 89 6.46 21.40 -17.99
N LYS B 90 6.09 22.45 -18.72
CA LYS B 90 7.06 23.48 -19.03
C LYS B 90 7.55 24.22 -17.81
N PRO B 91 6.71 24.86 -16.99
CA PRO B 91 7.19 25.28 -15.68
C PRO B 91 7.61 24.03 -14.92
N HIS B 92 8.91 23.96 -14.58
CA HIS B 92 9.51 22.77 -14.02
C HIS B 92 8.62 22.14 -12.95
N ALA B 93 8.38 20.84 -13.09
CA ALA B 93 7.60 20.09 -12.10
C ALA B 93 8.53 19.29 -11.19
N MET B 94 9.35 18.44 -11.78
CA MET B 94 10.30 17.61 -11.04
C MET B 94 11.69 18.07 -11.39
N THR B 95 12.53 18.24 -10.37
CA THR B 95 13.93 18.50 -10.62
C THR B 95 14.60 17.21 -11.11
N PRO B 96 15.65 17.32 -11.92
CA PRO B 96 16.34 16.10 -12.38
C PRO B 96 16.76 15.19 -11.23
N HIS B 97 17.15 15.77 -10.10
CA HIS B 97 17.44 14.97 -8.91
C HIS B 97 16.23 14.14 -8.51
N GLN B 98 15.05 14.77 -8.48
CA GLN B 98 13.85 14.08 -8.05
C GLN B 98 13.50 12.92 -8.98
N VAL B 99 13.73 13.08 -10.28
CA VAL B 99 13.52 11.95 -11.18
C VAL B 99 14.51 10.83 -10.87
N GLU B 100 15.75 11.17 -10.59
CA GLU B 100 16.73 10.14 -10.26
C GLU B 100 16.37 9.41 -8.96
N THR B 101 16.03 10.18 -7.93
CA THR B 101 15.56 9.56 -6.69
C THR B 101 14.39 8.62 -6.94
N ALA B 102 13.31 9.16 -7.53
CA ALA B 102 12.10 8.36 -7.73
C ALA B 102 12.33 7.18 -8.65
N GLN B 103 13.14 7.35 -9.70
CA GLN B 103 13.38 6.24 -10.62
C GLN B 103 13.94 5.03 -9.90
N VAL B 104 14.85 5.23 -8.94
CA VAL B 104 15.39 4.12 -8.16
C VAL B 104 14.30 3.55 -7.25
N LEU B 105 13.57 4.41 -6.54
CA LEU B 105 12.48 3.94 -5.69
C LEU B 105 11.49 3.11 -6.49
N ILE B 106 11.13 3.59 -7.69
CA ILE B 106 10.26 2.83 -8.58
C ILE B 106 10.94 1.53 -8.99
N ALA B 107 12.26 1.57 -9.21
CA ALA B 107 12.95 0.37 -9.65
C ALA B 107 13.01 -0.70 -8.58
N GLU B 108 13.18 -0.33 -7.30
CA GLU B 108 13.10 -1.33 -6.22
C GLU B 108 11.76 -2.06 -6.27
N VAL B 109 10.68 -1.30 -6.43
CA VAL B 109 9.36 -1.90 -6.64
C VAL B 109 9.35 -2.68 -7.95
N GLY B 110 10.11 -2.20 -8.95
CA GLY B 110 10.23 -2.94 -10.19
C GLY B 110 10.83 -4.32 -9.98
N ARG B 111 11.93 -4.39 -9.23
CA ARG B 111 12.55 -5.69 -8.96
C ARG B 111 11.60 -6.64 -8.26
N ILE B 112 10.91 -6.15 -7.23
CA ILE B 112 10.00 -6.99 -6.47
C ILE B 112 8.86 -7.47 -7.34
N LEU B 113 8.33 -6.59 -8.19
CA LEU B 113 7.32 -6.98 -9.15
C LEU B 113 7.84 -8.04 -10.11
N GLY B 114 9.06 -7.84 -10.62
CA GLY B 114 9.65 -8.83 -11.52
C GLY B 114 9.81 -10.18 -10.86
N SER B 115 10.39 -10.20 -9.65
CA SER B 115 10.52 -11.46 -8.91
C SER B 115 9.16 -12.12 -8.70
N TRP B 116 8.15 -11.33 -8.37
CA TRP B 116 6.81 -11.84 -8.14
C TRP B 116 6.19 -12.39 -9.42
N ILE B 117 6.32 -11.64 -10.52
CA ILE B 117 5.88 -12.15 -11.83
C ILE B 117 6.57 -13.48 -12.12
N ALA B 118 7.87 -13.55 -11.85
CA ALA B 118 8.63 -14.77 -12.13
C ALA B 118 8.17 -15.94 -11.27
N ARG B 119 8.04 -15.73 -9.95
CA ARG B 119 7.64 -16.84 -9.09
C ARG B 119 6.26 -17.36 -9.45
N VAL B 120 5.36 -16.47 -9.89
CA VAL B 120 4.06 -16.91 -10.38
C VAL B 120 4.20 -17.61 -11.73
N ASN B 121 5.06 -17.09 -12.59
CA ASN B 121 5.17 -17.66 -13.94
C ASN B 121 5.64 -19.11 -13.90
N ARG B 122 6.50 -19.46 -12.94
CA ARG B 122 6.85 -20.86 -12.76
C ARG B 122 5.66 -21.64 -12.20
N TYR C 11 -28.36 -12.67 6.14
CA TYR C 11 -27.00 -12.83 6.69
C TYR C 11 -25.94 -12.57 5.62
N ASP C 12 -24.69 -12.88 5.97
CA ASP C 12 -23.54 -12.75 5.08
C ASP C 12 -23.46 -11.39 4.41
N GLN C 13 -24.01 -11.25 3.20
CA GLN C 13 -23.96 -9.95 2.53
C GLN C 13 -24.65 -8.87 3.34
N MET C 14 -25.81 -9.17 3.90
CA MET C 14 -26.45 -8.23 4.83
C MET C 14 -25.55 -7.94 6.01
N LEU C 15 -24.96 -8.98 6.60
CA LEU C 15 -24.11 -8.79 7.78
C LEU C 15 -22.89 -7.94 7.44
N ILE C 16 -22.13 -8.35 6.43
CA ILE C 16 -20.94 -7.60 5.99
C ILE C 16 -21.25 -6.11 5.91
N VAL C 17 -22.33 -5.77 5.20
CA VAL C 17 -22.50 -4.38 4.83
C VAL C 17 -23.07 -3.54 5.97
N GLU C 18 -23.90 -4.11 6.84
CA GLU C 18 -24.30 -3.33 7.99
C GLU C 18 -23.13 -3.08 8.92
N ARG C 19 -22.11 -3.94 8.86
CA ARG C 19 -20.85 -3.71 9.56
C ARG C 19 -19.97 -2.75 8.77
N TYR C 20 -20.01 -2.84 7.44
CA TYR C 20 -19.26 -1.92 6.60
C TYR C 20 -19.90 -0.54 6.58
N GLU C 21 -21.22 -0.44 6.72
CA GLU C 21 -21.87 0.87 6.87
C GLU C 21 -21.25 1.64 8.03
N ARG C 22 -20.79 0.94 9.07
CA ARG C 22 -20.14 1.61 10.20
C ARG C 22 -18.78 2.18 9.79
N VAL C 23 -18.04 1.44 8.96
CA VAL C 23 -16.83 2.00 8.37
C VAL C 23 -17.16 3.28 7.63
N ILE C 24 -18.10 3.20 6.68
CA ILE C 24 -18.52 4.37 5.92
C ILE C 24 -18.96 5.49 6.85
N SER C 25 -19.83 5.15 7.83
CA SER C 25 -20.32 6.17 8.75
C SER C 25 -19.19 6.82 9.54
N TYR C 26 -18.11 6.09 9.78
CA TYR C 26 -16.97 6.69 10.45
C TYR C 26 -16.09 7.45 9.45
N LEU C 27 -15.84 6.83 8.30
CA LEU C 27 -14.84 7.34 7.36
C LEU C 27 -15.40 8.41 6.44
N TYR C 28 -16.67 8.31 6.05
CA TYR C 28 -17.21 9.35 5.19
C TYR C 28 -17.05 10.75 5.79
N PRO C 29 -17.40 10.98 7.06
CA PRO C 29 -17.05 12.29 7.67
C PRO C 29 -15.58 12.66 7.57
N ILE C 30 -14.67 11.68 7.77
CA ILE C 30 -13.22 11.93 7.64
C ILE C 30 -12.87 12.29 6.22
N ALA C 31 -13.51 11.60 5.26
CA ALA C 31 -13.19 11.69 3.85
C ALA C 31 -13.81 12.90 3.20
N GLN C 32 -14.78 13.51 3.85
CA GLN C 32 -15.33 14.78 3.43
C GLN C 32 -14.57 15.95 4.04
N SER C 33 -13.75 15.70 5.05
CA SER C 33 -12.90 16.72 5.66
C SER C 33 -11.58 16.91 4.93
N ILE C 34 -11.13 15.92 4.16
CA ILE C 34 -9.89 16.03 3.39
C ILE C 34 -9.95 17.27 2.51
N PRO C 35 -8.96 18.17 2.59
CA PRO C 35 -9.07 19.44 1.88
C PRO C 35 -9.03 19.25 0.37
N ARG C 36 -9.47 20.29 -0.34
CA ARG C 36 -9.46 20.26 -1.80
C ARG C 36 -8.06 20.04 -2.34
N LYS C 37 -7.05 20.59 -1.67
CA LYS C 37 -5.67 20.32 -2.06
C LYS C 37 -5.43 18.84 -2.29
N HIS C 38 -5.77 18.02 -1.30
CA HIS C 38 -5.70 16.57 -1.42
C HIS C 38 -6.96 16.00 -2.06
N GLY C 39 -7.35 16.63 -3.17
CA GLY C 39 -8.63 16.36 -3.78
C GLY C 39 -8.71 15.08 -4.58
N VAL C 40 -7.65 14.80 -5.33
CA VAL C 40 -7.61 13.53 -6.06
C VAL C 40 -7.57 12.36 -5.10
N ALA C 41 -6.68 12.43 -4.10
CA ALA C 41 -6.66 11.40 -3.06
C ALA C 41 -8.05 11.25 -2.44
N ARG C 42 -8.71 12.38 -2.12
CA ARG C 42 -10.05 12.31 -1.54
C ARG C 42 -11.03 11.62 -2.46
N GLU C 43 -11.16 12.11 -3.71
CA GLU C 43 -12.12 11.52 -4.63
C GLU C 43 -11.85 10.03 -4.80
N MET C 44 -10.58 9.64 -4.84
CA MET C 44 -10.22 8.23 -4.96
C MET C 44 -10.46 7.46 -3.66
N PHE C 45 -10.22 8.10 -2.52
CA PHE C 45 -10.54 7.47 -1.23
C PHE C 45 -12.04 7.29 -1.08
N LEU C 46 -12.81 8.32 -1.40
CA LEU C 46 -14.26 8.21 -1.36
C LEU C 46 -14.77 7.16 -2.32
N LYS C 47 -14.18 7.08 -3.52
CA LYS C 47 -14.55 6.03 -4.46
C LYS C 47 -14.13 4.66 -3.97
N CYS C 48 -13.08 4.59 -3.14
CA CYS C 48 -12.69 3.32 -2.56
C CYS C 48 -13.59 2.94 -1.40
N LEU C 49 -13.95 3.93 -0.60
CA LEU C 49 -14.77 3.71 0.58
C LEU C 49 -16.20 3.36 0.21
N LEU C 50 -16.89 4.30 -0.45
CA LEU C 50 -18.29 4.12 -0.83
C LEU C 50 -18.49 3.16 -1.99
N GLY C 51 -17.43 2.84 -2.73
CA GLY C 51 -17.53 1.94 -3.87
C GLY C 51 -17.18 0.53 -3.51
N GLN C 52 -16.76 0.30 -2.27
CA GLN C 52 -16.54 -1.03 -1.75
C GLN C 52 -17.86 -1.77 -1.53
N VAL C 53 -18.93 -1.02 -1.27
CA VAL C 53 -20.26 -1.63 -1.17
C VAL C 53 -20.61 -2.37 -2.44
N GLU C 54 -20.30 -1.78 -3.60
CA GLU C 54 -20.54 -2.49 -4.86
C GLU C 54 -19.67 -3.74 -4.96
N LEU C 55 -18.45 -3.68 -4.44
CA LEU C 55 -17.57 -4.85 -4.44
C LEU C 55 -18.17 -5.98 -3.61
N PHE C 56 -18.68 -5.67 -2.42
CA PHE C 56 -19.39 -6.67 -1.63
C PHE C 56 -20.64 -7.14 -2.33
N ILE C 57 -21.43 -6.21 -2.86
CA ILE C 57 -22.69 -6.54 -3.51
C ILE C 57 -22.46 -7.53 -4.65
N VAL C 58 -21.48 -7.24 -5.51
CA VAL C 58 -21.15 -8.16 -6.61
C VAL C 58 -20.70 -9.51 -6.06
N ALA C 59 -19.98 -9.50 -4.93
CA ALA C 59 -19.45 -10.73 -4.36
C ALA C 59 -20.56 -11.67 -3.90
N GLY C 60 -21.62 -11.12 -3.31
CA GLY C 60 -22.72 -11.92 -2.83
C GLY C 60 -23.80 -12.10 -3.86
N LYS C 61 -23.45 -11.88 -5.12
CA LYS C 61 -24.35 -12.06 -6.25
C LYS C 61 -23.74 -12.99 -7.28
N SER C 62 -22.77 -13.79 -6.89
CA SER C 62 -22.00 -14.66 -7.78
C SER C 62 -21.66 -15.99 -7.15
N ASN C 63 -21.59 -16.09 -5.83
CA ASN C 63 -21.11 -17.28 -5.13
C ASN C 63 -19.82 -17.79 -5.75
N GLN C 64 -18.94 -16.85 -6.09
CA GLN C 64 -17.64 -17.15 -6.67
C GLN C 64 -16.58 -16.46 -5.83
N VAL C 65 -15.54 -17.22 -5.47
CA VAL C 65 -14.61 -16.75 -4.45
C VAL C 65 -13.72 -15.62 -4.97
N SER C 66 -13.48 -15.56 -6.28
CA SER C 66 -12.68 -14.48 -6.83
C SER C 66 -13.34 -13.12 -6.59
N LYS C 67 -14.68 -13.08 -6.55
CA LYS C 67 -15.36 -11.83 -6.21
C LYS C 67 -15.23 -11.49 -4.73
N LEU C 68 -15.17 -12.48 -3.85
CA LEU C 68 -14.91 -12.18 -2.45
C LEU C 68 -13.43 -11.94 -2.17
N TYR C 69 -12.55 -12.35 -3.09
CA TYR C 69 -11.13 -11.97 -2.96
C TYR C 69 -10.90 -10.53 -3.42
N ALA C 70 -11.64 -10.07 -4.43
CA ALA C 70 -11.57 -8.68 -4.83
C ALA C 70 -12.37 -7.78 -3.89
N ALA C 71 -13.21 -8.37 -3.04
CA ALA C 71 -13.71 -7.64 -1.88
C ALA C 71 -12.63 -7.50 -0.82
N ASP C 72 -11.77 -8.52 -0.67
CA ASP C 72 -10.64 -8.41 0.25
C ASP C 72 -9.62 -7.41 -0.27
N ALA C 73 -9.34 -7.44 -1.57
CA ALA C 73 -8.46 -6.45 -2.17
C ALA C 73 -8.94 -5.03 -1.92
N GLY C 74 -10.26 -4.83 -2.02
CA GLY C 74 -10.80 -3.50 -1.75
C GLY C 74 -10.63 -3.09 -0.30
N LEU C 75 -10.87 -4.02 0.63
CA LEU C 75 -10.60 -3.76 2.04
C LEU C 75 -9.13 -3.46 2.27
N ALA C 76 -8.25 -4.19 1.56
CA ALA C 76 -6.82 -3.95 1.68
C ALA C 76 -6.45 -2.59 1.12
N MET C 77 -7.03 -2.21 0.00
CA MET C 77 -6.82 -0.87 -0.55
C MET C 77 -7.33 0.19 0.40
N LEU C 78 -8.47 -0.07 1.05
CA LEU C 78 -9.00 0.88 2.03
C LEU C 78 -8.02 1.05 3.18
N ARG C 79 -7.39 -0.05 3.62
CA ARG C 79 -6.37 0.06 4.65
C ARG C 79 -5.15 0.79 4.15
N PHE C 80 -4.80 0.62 2.86
CA PHE C 80 -3.78 1.48 2.29
C PHE C 80 -4.17 2.94 2.41
N TRP C 81 -5.40 3.28 2.03
CA TRP C 81 -5.84 4.67 2.09
C TRP C 81 -5.70 5.23 3.49
N LEU C 82 -6.01 4.43 4.51
CA LEU C 82 -5.79 4.88 5.87
C LEU C 82 -4.32 5.23 6.12
N ARG C 83 -3.42 4.25 5.90
CA ARG C 83 -1.97 4.51 5.93
C ARG C 83 -1.61 5.79 5.19
N PHE C 84 -2.08 5.90 3.95
CA PHE C 84 -1.68 6.99 3.08
C PHE C 84 -2.19 8.31 3.61
N LEU C 85 -3.48 8.38 3.94
CA LEU C 85 -4.05 9.62 4.45
C LEU C 85 -3.49 10.01 5.81
N ALA C 86 -3.01 9.03 6.60
CA ALA C 86 -2.29 9.38 7.82
C ALA C 86 -0.91 9.92 7.49
N GLY C 87 -0.37 9.56 6.34
CA GLY C 87 0.91 10.16 5.91
C GLY C 87 0.67 11.57 5.37
N ILE C 88 0.22 11.69 4.12
CA ILE C 88 0.01 13.03 3.46
C ILE C 88 0.41 14.15 4.40
N GLN C 89 1.72 14.35 4.58
CA GLN C 89 2.23 15.38 5.51
C GLN C 89 1.60 16.72 5.15
N LYS C 90 1.48 17.02 3.86
CA LYS C 90 0.80 18.27 3.46
C LYS C 90 -0.38 18.45 4.40
N PRO C 91 -0.78 19.67 4.79
CA PRO C 91 -1.77 19.87 5.84
C PRO C 91 -1.91 18.54 6.58
N HIS C 92 -2.95 17.75 6.27
CA HIS C 92 -3.10 16.39 6.85
C HIS C 92 -4.52 15.90 6.60
N ALA C 93 -4.98 14.97 7.45
CA ALA C 93 -6.35 14.42 7.30
C ALA C 93 -6.60 13.43 8.43
N MET C 94 -6.45 12.15 8.14
CA MET C 94 -6.74 11.16 9.15
C MET C 94 -5.69 11.21 10.25
N THR C 95 -6.11 11.59 11.46
CA THR C 95 -5.24 11.45 12.61
C THR C 95 -5.04 9.97 12.90
N PRO C 96 -3.91 9.60 13.51
CA PRO C 96 -3.67 8.16 13.79
C PRO C 96 -4.78 7.49 14.57
N HIS C 97 -5.42 8.20 15.50
CA HIS C 97 -6.57 7.64 16.21
C HIS C 97 -7.64 7.20 15.21
N GLN C 98 -7.94 8.05 14.24
CA GLN C 98 -8.93 7.70 13.24
C GLN C 98 -8.51 6.47 12.44
N VAL C 99 -7.22 6.36 12.12
CA VAL C 99 -6.71 5.15 11.48
C VAL C 99 -6.93 3.94 12.39
N GLU C 100 -6.61 4.08 13.67
CA GLU C 100 -6.79 3.01 14.65
C GLU C 100 -8.25 2.58 14.73
N THR C 101 -9.14 3.54 14.92
CA THR C 101 -10.57 3.24 15.00
C THR C 101 -11.09 2.62 13.72
N ALA C 102 -10.73 3.21 12.57
CA ALA C 102 -11.17 2.65 11.29
C ALA C 102 -10.62 1.25 11.07
N GLN C 103 -9.34 1.05 11.41
CA GLN C 103 -8.75 -0.28 11.28
C GLN C 103 -9.49 -1.32 12.10
N VAL C 104 -9.95 -0.95 13.30
CA VAL C 104 -10.79 -1.83 14.11
C VAL C 104 -12.07 -2.18 13.37
N LEU C 105 -12.75 -1.16 12.84
CA LEU C 105 -13.96 -1.36 12.06
C LEU C 105 -13.69 -2.22 10.83
N ILE C 106 -12.64 -1.87 10.08
CA ILE C 106 -12.33 -2.64 8.89
C ILE C 106 -11.92 -4.05 9.28
N ALA C 107 -11.27 -4.20 10.44
CA ALA C 107 -10.92 -5.54 10.91
C ALA C 107 -12.17 -6.37 11.20
N GLU C 108 -13.21 -5.75 11.74
CA GLU C 108 -14.45 -6.48 11.97
C GLU C 108 -15.05 -6.93 10.64
N VAL C 109 -15.04 -6.04 9.64
CA VAL C 109 -15.43 -6.42 8.28
C VAL C 109 -14.47 -7.47 7.74
N GLY C 110 -13.19 -7.38 8.10
CA GLY C 110 -12.24 -8.40 7.69
C GLY C 110 -12.60 -9.77 8.24
N ARG C 111 -12.93 -9.82 9.53
CA ARG C 111 -13.37 -11.06 10.16
C ARG C 111 -14.54 -11.69 9.41
N ILE C 112 -15.57 -10.87 9.13
CA ILE C 112 -16.76 -11.38 8.46
C ILE C 112 -16.44 -11.84 7.05
N LEU C 113 -15.59 -11.09 6.36
CA LEU C 113 -15.14 -11.52 5.04
C LEU C 113 -14.39 -12.84 5.12
N GLY C 114 -13.51 -12.98 6.11
CA GLY C 114 -12.79 -14.23 6.28
C GLY C 114 -13.72 -15.40 6.53
N SER C 115 -14.68 -15.23 7.45
CA SER C 115 -15.66 -16.29 7.71
C SER C 115 -16.44 -16.62 6.45
N TRP C 116 -16.79 -15.60 5.68
CA TRP C 116 -17.54 -15.78 4.43
C TRP C 116 -16.69 -16.50 3.39
N ILE C 117 -15.42 -16.10 3.26
CA ILE C 117 -14.49 -16.83 2.39
C ILE C 117 -14.42 -18.28 2.80
N ALA C 118 -14.33 -18.54 4.11
CA ALA C 118 -14.26 -19.90 4.62
C ALA C 118 -15.56 -20.67 4.37
N ARG C 119 -16.70 -20.03 4.63
CA ARG C 119 -17.99 -20.66 4.41
C ARG C 119 -18.14 -21.10 2.96
N VAL C 120 -17.62 -20.31 2.03
CA VAL C 120 -17.64 -20.67 0.61
C VAL C 120 -16.64 -21.78 0.32
N ASN C 121 -15.47 -21.73 0.97
CA ASN C 121 -14.45 -22.75 0.79
C ASN C 121 -14.93 -24.13 1.21
N GLN D 13 -32.55 -2.13 -22.50
CA GLN D 13 -33.74 -2.63 -23.19
C GLN D 13 -34.52 -1.44 -23.73
N MET D 14 -35.80 -1.45 -23.51
CA MET D 14 -36.60 -0.25 -23.67
C MET D 14 -37.51 -0.03 -22.48
N LEU D 15 -38.19 -1.08 -22.01
CA LEU D 15 -39.11 -0.90 -20.89
C LEU D 15 -38.36 -0.73 -19.57
N ILE D 16 -37.26 -1.45 -19.36
CA ILE D 16 -36.50 -1.26 -18.12
C ILE D 16 -36.03 0.18 -18.01
N VAL D 17 -35.53 0.75 -19.12
CA VAL D 17 -35.01 2.12 -19.10
C VAL D 17 -36.14 3.10 -18.85
N GLU D 18 -37.27 2.91 -19.51
CA GLU D 18 -38.42 3.79 -19.32
C GLU D 18 -38.94 3.73 -17.89
N ARG D 19 -38.84 2.57 -17.24
CA ARG D 19 -39.23 2.48 -15.84
C ARG D 19 -38.13 3.00 -14.92
N TYR D 20 -36.87 2.89 -15.35
CA TYR D 20 -35.78 3.52 -14.60
C TYR D 20 -35.76 5.03 -14.79
N GLU D 21 -36.24 5.52 -15.94
CA GLU D 21 -36.46 6.97 -16.10
C GLU D 21 -37.19 7.53 -14.89
N ARG D 22 -38.17 6.78 -14.39
CA ARG D 22 -38.94 7.23 -13.25
C ARG D 22 -38.11 7.28 -11.98
N VAL D 23 -37.28 6.25 -11.75
CA VAL D 23 -36.31 6.31 -10.66
C VAL D 23 -35.49 7.60 -10.74
N ILE D 24 -34.84 7.81 -11.89
CA ILE D 24 -34.04 9.01 -12.10
C ILE D 24 -34.89 10.26 -11.87
N SER D 25 -36.08 10.30 -12.49
CA SER D 25 -36.91 11.48 -12.36
C SER D 25 -37.36 11.72 -10.93
N TYR D 26 -37.37 10.68 -10.10
CA TYR D 26 -37.64 10.89 -8.68
C TYR D 26 -36.37 11.23 -7.92
N LEU D 27 -35.28 10.51 -8.21
CA LEU D 27 -34.06 10.59 -7.42
C LEU D 27 -33.20 11.76 -7.82
N TYR D 28 -33.15 12.10 -9.11
CA TYR D 28 -32.32 13.24 -9.52
C TYR D 28 -32.70 14.52 -8.77
N PRO D 29 -33.98 14.90 -8.65
CA PRO D 29 -34.31 16.03 -7.75
C PRO D 29 -33.80 15.87 -6.32
N ILE D 30 -33.77 14.65 -5.82
CA ILE D 30 -33.27 14.38 -4.47
C ILE D 30 -31.77 14.57 -4.39
N ALA D 31 -31.05 14.21 -5.45
CA ALA D 31 -29.60 14.34 -5.46
C ALA D 31 -29.15 15.79 -5.58
N GLN D 32 -30.03 16.65 -6.06
CA GLN D 32 -29.73 18.06 -6.20
C GLN D 32 -30.08 18.86 -4.96
N SER D 33 -30.64 18.19 -3.93
CA SER D 33 -30.81 18.82 -2.63
C SER D 33 -29.56 18.72 -1.80
N ILE D 34 -28.74 17.71 -2.06
CA ILE D 34 -27.50 17.47 -1.33
C ILE D 34 -26.62 18.73 -1.38
N PRO D 35 -26.25 19.28 -0.24
CA PRO D 35 -25.62 20.61 -0.23
C PRO D 35 -24.17 20.63 -0.71
N ARG D 36 -23.60 21.82 -0.68
CA ARG D 36 -22.19 22.04 -1.06
C ARG D 36 -21.25 21.10 -0.31
N LYS D 37 -21.47 20.96 1.00
CA LYS D 37 -20.67 20.07 1.83
C LYS D 37 -20.46 18.72 1.18
N HIS D 38 -21.56 18.04 0.86
CA HIS D 38 -21.53 16.69 0.30
C HIS D 38 -21.53 16.71 -1.22
N GLY D 39 -20.87 17.71 -1.83
CA GLY D 39 -20.86 17.80 -3.27
C GLY D 39 -20.09 16.68 -3.93
N VAL D 40 -19.16 16.06 -3.19
CA VAL D 40 -18.36 14.98 -3.77
C VAL D 40 -19.11 13.65 -3.69
N ALA D 41 -19.91 13.44 -2.64
CA ALA D 41 -20.80 12.27 -2.63
C ALA D 41 -21.83 12.36 -3.74
N ARG D 42 -22.39 13.56 -3.96
CA ARG D 42 -23.41 13.76 -5.00
C ARG D 42 -22.92 13.30 -6.36
N GLU D 43 -21.76 13.80 -6.79
CA GLU D 43 -21.21 13.39 -8.08
C GLU D 43 -21.14 11.87 -8.19
N MET D 44 -20.72 11.21 -7.11
CA MET D 44 -20.66 9.76 -7.10
C MET D 44 -22.04 9.13 -7.10
N PHE D 45 -22.98 9.71 -6.37
CA PHE D 45 -24.36 9.21 -6.41
C PHE D 45 -24.97 9.42 -7.79
N LEU D 46 -24.78 10.61 -8.36
CA LEU D 46 -25.30 10.88 -9.69
C LEU D 46 -24.68 9.95 -10.73
N LYS D 47 -23.40 9.67 -10.60
CA LYS D 47 -22.78 8.73 -11.54
C LYS D 47 -23.30 7.32 -11.33
N CYS D 48 -23.74 6.98 -10.12
CA CYS D 48 -24.39 5.69 -9.92
C CYS D 48 -25.81 5.70 -10.46
N LEU D 49 -26.54 6.78 -10.20
CA LEU D 49 -27.94 6.93 -10.56
C LEU D 49 -28.08 7.02 -12.07
N LEU D 50 -27.54 8.08 -12.66
CA LEU D 50 -27.62 8.33 -14.09
C LEU D 50 -26.77 7.38 -14.92
N GLY D 51 -25.84 6.67 -14.31
CA GLY D 51 -24.95 5.77 -15.01
C GLY D 51 -25.43 4.33 -15.03
N GLN D 52 -26.49 4.03 -14.28
CA GLN D 52 -27.12 2.73 -14.36
C GLN D 52 -27.91 2.57 -15.67
N VAL D 53 -28.35 3.68 -16.27
CA VAL D 53 -28.97 3.63 -17.60
C VAL D 53 -28.04 2.96 -18.60
N GLU D 54 -26.75 3.33 -18.57
CA GLU D 54 -25.81 2.68 -19.48
C GLU D 54 -25.68 1.20 -19.17
N LEU D 55 -25.72 0.83 -17.89
CA LEU D 55 -25.65 -0.58 -17.51
C LEU D 55 -26.84 -1.36 -18.08
N PHE D 56 -28.05 -0.81 -17.95
CA PHE D 56 -29.21 -1.43 -18.57
C PHE D 56 -29.08 -1.50 -20.07
N ILE D 57 -28.68 -0.38 -20.68
CA ILE D 57 -28.64 -0.31 -22.14
C ILE D 57 -27.65 -1.32 -22.71
N VAL D 58 -26.43 -1.36 -22.14
CA VAL D 58 -25.41 -2.25 -22.69
C VAL D 58 -25.84 -3.71 -22.54
N ALA D 59 -26.62 -4.02 -21.50
CA ALA D 59 -27.17 -5.36 -21.37
C ALA D 59 -28.32 -5.58 -22.34
N GLY D 60 -29.11 -4.54 -22.59
CA GLY D 60 -30.16 -4.66 -23.59
C GLY D 60 -29.62 -5.02 -24.95
N LYS D 61 -28.49 -4.42 -25.34
CA LYS D 61 -27.84 -4.77 -26.60
C LYS D 61 -27.19 -6.15 -26.48
N SER D 62 -25.98 -6.21 -25.93
CA SER D 62 -25.32 -7.48 -25.70
C SER D 62 -26.00 -8.21 -24.55
N ASN D 63 -26.78 -9.24 -24.88
CA ASN D 63 -27.63 -9.88 -23.89
C ASN D 63 -26.91 -10.89 -23.01
N GLN D 64 -25.58 -10.90 -23.02
CA GLN D 64 -24.84 -11.76 -22.10
C GLN D 64 -25.22 -11.43 -20.67
N VAL D 65 -25.55 -12.47 -19.89
CA VAL D 65 -26.03 -12.26 -18.53
C VAL D 65 -24.99 -11.59 -17.67
N SER D 66 -23.71 -11.68 -18.04
CA SER D 66 -22.68 -10.90 -17.35
C SER D 66 -23.06 -9.43 -17.28
N LYS D 67 -23.45 -8.86 -18.42
CA LYS D 67 -23.90 -7.46 -18.46
C LYS D 67 -25.18 -7.27 -17.67
N LEU D 68 -26.02 -8.31 -17.57
CA LEU D 68 -27.28 -8.23 -16.85
C LEU D 68 -27.10 -8.25 -15.33
N TYR D 69 -26.06 -8.94 -14.85
CA TYR D 69 -25.79 -8.96 -13.41
C TYR D 69 -25.15 -7.67 -12.94
N ALA D 70 -24.35 -7.03 -13.80
CA ALA D 70 -23.81 -5.71 -13.50
C ALA D 70 -24.93 -4.69 -13.36
N ALA D 71 -26.00 -4.84 -14.15
CA ALA D 71 -27.18 -4.01 -13.96
C ALA D 71 -27.83 -4.25 -12.62
N ASP D 72 -27.88 -5.52 -12.18
CA ASP D 72 -28.43 -5.85 -10.87
C ASP D 72 -27.56 -5.28 -9.76
N ALA D 73 -26.24 -5.44 -9.88
CA ALA D 73 -25.32 -4.83 -8.93
C ALA D 73 -25.52 -3.32 -8.84
N GLY D 74 -25.76 -2.66 -9.97
CA GLY D 74 -25.99 -1.22 -9.95
C GLY D 74 -27.27 -0.85 -9.25
N LEU D 75 -28.35 -1.61 -9.48
CA LEU D 75 -29.58 -1.41 -8.75
C LEU D 75 -29.38 -1.64 -7.25
N ALA D 76 -28.60 -2.67 -6.91
CA ALA D 76 -28.30 -2.94 -5.51
C ALA D 76 -27.47 -1.81 -4.90
N MET D 77 -26.51 -1.29 -5.65
CA MET D 77 -25.74 -0.14 -5.17
C MET D 77 -26.62 1.10 -5.05
N LEU D 78 -27.57 1.27 -5.98
CA LEU D 78 -28.51 2.38 -5.86
C LEU D 78 -29.34 2.24 -4.59
N ARG D 79 -29.73 1.01 -4.24
CA ARG D 79 -30.39 0.78 -2.96
C ARG D 79 -29.46 1.11 -1.80
N PHE D 80 -28.17 0.77 -1.91
CA PHE D 80 -27.23 1.23 -0.90
C PHE D 80 -27.21 2.75 -0.82
N TRP D 81 -27.14 3.41 -1.96
CA TRP D 81 -27.11 4.87 -1.98
C TRP D 81 -28.30 5.47 -1.25
N LEU D 82 -29.47 4.83 -1.34
CA LEU D 82 -30.61 5.29 -0.58
C LEU D 82 -30.33 5.23 0.92
N ARG D 83 -29.93 4.06 1.43
CA ARG D 83 -29.56 3.93 2.84
C ARG D 83 -28.52 4.96 3.25
N PHE D 84 -27.48 5.14 2.43
CA PHE D 84 -26.41 6.08 2.76
C PHE D 84 -26.94 7.50 2.82
N LEU D 85 -27.64 7.94 1.77
CA LEU D 85 -28.14 9.30 1.72
C LEU D 85 -29.17 9.55 2.82
N ALA D 86 -29.84 8.49 3.28
CA ALA D 86 -30.77 8.58 4.41
C ALA D 86 -30.04 8.17 5.69
N GLY D 87 -29.24 9.08 6.20
CA GLY D 87 -28.67 8.81 7.51
C GLY D 87 -27.17 8.97 7.60
N ILE D 88 -26.43 8.25 6.75
CA ILE D 88 -24.97 8.29 6.86
C ILE D 88 -24.44 9.62 6.37
N GLN D 89 -24.99 10.13 5.28
CA GLN D 89 -24.93 11.55 4.97
C GLN D 89 -25.53 12.31 6.13
N LYS D 90 -24.76 13.21 6.81
CA LYS D 90 -25.10 13.63 8.09
C LYS D 90 -26.44 14.49 8.17
N PRO D 91 -26.46 15.65 7.46
CA PRO D 91 -27.83 16.17 7.24
C PRO D 91 -28.51 15.15 6.37
N HIS D 92 -29.11 14.14 7.03
CA HIS D 92 -29.68 12.99 6.34
C HIS D 92 -30.44 13.54 5.15
N ALA D 93 -29.80 13.46 3.97
CA ALA D 93 -30.28 14.15 2.78
C ALA D 93 -31.66 13.62 2.42
N MET D 94 -31.71 12.39 1.94
CA MET D 94 -32.98 11.74 1.68
C MET D 94 -33.74 11.54 2.99
N THR D 95 -34.94 12.10 3.07
CA THR D 95 -35.80 11.82 4.21
C THR D 95 -36.25 10.35 4.16
N PRO D 96 -36.58 9.76 5.31
CA PRO D 96 -37.06 8.38 5.30
C PRO D 96 -38.23 8.18 4.35
N HIS D 97 -39.13 9.16 4.28
CA HIS D 97 -40.18 9.12 3.29
C HIS D 97 -39.61 8.98 1.90
N GLN D 98 -38.67 9.88 1.54
CA GLN D 98 -38.10 9.86 0.19
C GLN D 98 -37.42 8.52 -0.11
N VAL D 99 -36.74 7.94 0.88
CA VAL D 99 -36.18 6.60 0.70
C VAL D 99 -37.28 5.58 0.43
N GLU D 100 -38.38 5.68 1.19
CA GLU D 100 -39.51 4.77 0.99
C GLU D 100 -40.05 4.89 -0.42
N THR D 101 -40.34 6.11 -0.88
CA THR D 101 -40.92 6.23 -2.21
C THR D 101 -39.92 5.86 -3.29
N ALA D 102 -38.64 6.26 -3.13
CA ALA D 102 -37.64 5.85 -4.09
C ALA D 102 -37.50 4.33 -4.15
N GLN D 103 -37.51 3.68 -2.99
CA GLN D 103 -37.34 2.23 -2.96
C GLN D 103 -38.50 1.52 -3.63
N VAL D 104 -39.70 2.13 -3.62
CA VAL D 104 -40.83 1.60 -4.38
C VAL D 104 -40.53 1.63 -5.88
N LEU D 105 -40.04 2.77 -6.36
CA LEU D 105 -39.70 2.91 -7.78
C LEU D 105 -38.56 1.98 -8.17
N ILE D 106 -37.53 1.92 -7.33
CA ILE D 106 -36.40 1.02 -7.57
C ILE D 106 -36.87 -0.43 -7.50
N ALA D 107 -37.84 -0.71 -6.63
CA ALA D 107 -38.38 -2.06 -6.56
C ALA D 107 -39.11 -2.43 -7.84
N GLU D 108 -39.82 -1.46 -8.46
CA GLU D 108 -40.47 -1.76 -9.73
C GLU D 108 -39.45 -2.12 -10.79
N VAL D 109 -38.38 -1.33 -10.91
CA VAL D 109 -37.34 -1.70 -11.86
C VAL D 109 -36.59 -2.93 -11.38
N GLY D 110 -36.55 -3.17 -10.07
CA GLY D 110 -36.01 -4.43 -9.57
C GLY D 110 -36.81 -5.62 -10.06
N ARG D 111 -38.14 -5.55 -9.96
CA ARG D 111 -39.01 -6.61 -10.46
C ARG D 111 -38.73 -6.92 -11.92
N ILE D 112 -38.68 -5.87 -12.76
CA ILE D 112 -38.46 -6.05 -14.19
C ILE D 112 -37.09 -6.64 -14.45
N LEU D 113 -36.09 -6.19 -13.72
CA LEU D 113 -34.76 -6.77 -13.84
C LEU D 113 -34.78 -8.24 -13.45
N GLY D 114 -35.46 -8.57 -12.35
CA GLY D 114 -35.55 -9.97 -11.96
C GLY D 114 -36.23 -10.83 -13.01
N SER D 115 -37.37 -10.37 -13.53
CA SER D 115 -38.05 -11.10 -14.60
C SER D 115 -37.15 -11.26 -15.81
N TRP D 116 -36.38 -10.22 -16.12
CA TRP D 116 -35.45 -10.24 -17.25
C TRP D 116 -34.31 -11.22 -16.98
N ILE D 117 -33.73 -11.19 -15.78
CA ILE D 117 -32.76 -12.21 -15.38
C ILE D 117 -33.35 -13.60 -15.62
N ALA D 118 -34.57 -13.81 -15.14
CA ALA D 118 -35.21 -15.11 -15.23
C ALA D 118 -35.48 -15.50 -16.69
N ARG D 119 -35.95 -14.55 -17.50
CA ARG D 119 -36.19 -14.83 -18.91
C ARG D 119 -34.91 -15.24 -19.62
N VAL D 120 -33.76 -14.72 -19.18
CA VAL D 120 -32.50 -15.04 -19.83
C VAL D 120 -31.97 -16.40 -19.36
N ASN D 121 -31.99 -16.64 -18.05
CA ASN D 121 -31.56 -17.94 -17.51
C ASN D 121 -32.71 -18.95 -17.48
N ARG D 122 -33.46 -19.02 -18.58
CA ARG D 122 -34.49 -20.06 -18.72
C ARG D 122 -33.85 -21.45 -18.82
N LYS D 123 -32.65 -21.52 -19.35
CA LYS D 123 -31.91 -22.76 -19.47
C LYS D 123 -30.42 -22.47 -19.46
N ASP E 12 -18.26 2.27 -42.53
CA ASP E 12 -16.87 2.52 -42.17
C ASP E 12 -16.77 3.60 -41.11
N GLN E 13 -15.74 3.51 -40.27
CA GLN E 13 -15.63 4.40 -39.12
C GLN E 13 -15.55 5.86 -39.55
N MET E 14 -14.89 6.14 -40.66
CA MET E 14 -14.69 7.53 -41.10
C MET E 14 -16.01 8.22 -41.36
N LEU E 15 -16.92 7.54 -42.07
CA LEU E 15 -18.22 8.12 -42.38
C LEU E 15 -19.02 8.39 -41.12
N ILE E 16 -19.19 7.39 -40.27
CA ILE E 16 -19.98 7.57 -39.04
C ILE E 16 -19.43 8.73 -38.23
N VAL E 17 -18.11 8.77 -38.06
CA VAL E 17 -17.51 9.80 -37.23
C VAL E 17 -17.75 11.19 -37.82
N GLU E 18 -17.60 11.34 -39.14
CA GLU E 18 -17.88 12.64 -39.75
C GLU E 18 -19.33 13.04 -39.60
N ARG E 19 -20.25 12.07 -39.63
CA ARG E 19 -21.66 12.38 -39.40
C ARG E 19 -21.94 12.60 -37.92
N TYR E 20 -21.23 11.88 -37.05
CA TYR E 20 -21.36 12.11 -35.62
C TYR E 20 -20.71 13.41 -35.19
N GLU E 21 -19.67 13.84 -35.90
CA GLU E 21 -19.09 15.17 -35.66
C GLU E 21 -20.16 16.25 -35.76
N ARG E 22 -21.17 16.04 -36.60
CA ARG E 22 -22.27 16.99 -36.72
C ARG E 22 -23.16 16.96 -35.47
N VAL E 23 -23.40 15.77 -34.92
CA VAL E 23 -24.05 15.67 -33.61
C VAL E 23 -23.29 16.49 -32.58
N ILE E 24 -22.00 16.19 -32.43
CA ILE E 24 -21.15 16.91 -31.49
C ILE E 24 -21.21 18.42 -31.76
N SER E 25 -21.05 18.80 -33.03
CA SER E 25 -21.03 20.22 -33.35
C SER E 25 -22.37 20.89 -33.05
N TYR E 26 -23.45 20.13 -33.04
CA TYR E 26 -24.72 20.70 -32.61
C TYR E 26 -24.88 20.64 -31.10
N LEU E 27 -24.53 19.50 -30.50
CA LEU E 27 -24.84 19.24 -29.09
C LEU E 27 -23.81 19.86 -28.16
N TYR E 28 -22.54 19.86 -28.54
CA TYR E 28 -21.52 20.43 -27.66
C TYR E 28 -21.85 21.86 -27.24
N PRO E 29 -22.16 22.77 -28.18
CA PRO E 29 -22.63 24.11 -27.73
C PRO E 29 -23.79 24.07 -26.75
N ILE E 30 -24.76 23.17 -27.00
CA ILE E 30 -25.94 23.00 -26.16
C ILE E 30 -25.58 22.41 -24.82
N ALA E 31 -24.61 21.50 -24.81
CA ALA E 31 -24.20 20.78 -23.61
C ALA E 31 -23.24 21.59 -22.76
N GLN E 32 -22.72 22.66 -23.31
CA GLN E 32 -21.95 23.64 -22.56
C GLN E 32 -22.85 24.71 -21.96
N SER E 33 -24.08 24.82 -22.47
CA SER E 33 -25.07 25.77 -21.96
C SER E 33 -25.89 25.20 -20.82
N ILE E 34 -25.87 23.88 -20.63
CA ILE E 34 -26.54 23.23 -19.50
C ILE E 34 -26.06 23.90 -18.22
N PRO E 35 -26.96 24.38 -17.37
CA PRO E 35 -26.55 25.21 -16.22
C PRO E 35 -25.65 24.47 -15.25
N ARG E 36 -24.85 25.25 -14.49
CA ARG E 36 -23.98 24.58 -13.54
C ARG E 36 -24.76 23.81 -12.48
N LYS E 37 -25.96 24.27 -12.17
CA LYS E 37 -26.83 23.51 -11.27
C LYS E 37 -26.86 22.05 -11.67
N HIS E 38 -27.10 21.76 -12.94
CA HIS E 38 -27.03 20.41 -13.47
C HIS E 38 -25.65 20.10 -14.04
N GLY E 39 -24.63 20.36 -13.22
CA GLY E 39 -23.26 20.33 -13.67
C GLY E 39 -22.71 18.93 -13.81
N VAL E 40 -23.04 18.05 -12.87
CA VAL E 40 -22.63 16.65 -13.00
C VAL E 40 -23.28 16.03 -14.23
N ALA E 41 -24.59 16.22 -14.38
CA ALA E 41 -25.29 15.71 -15.55
C ALA E 41 -24.64 16.24 -16.82
N ARG E 42 -24.28 17.53 -16.82
CA ARG E 42 -23.62 18.13 -17.98
C ARG E 42 -22.29 17.45 -18.29
N GLU E 43 -21.40 17.42 -17.30
CA GLU E 43 -20.09 16.80 -17.53
C GLU E 43 -20.24 15.34 -17.97
N MET E 44 -21.25 14.64 -17.46
CA MET E 44 -21.50 13.27 -17.86
C MET E 44 -22.10 13.20 -19.26
N PHE E 45 -22.94 14.15 -19.60
CA PHE E 45 -23.48 14.23 -20.96
C PHE E 45 -22.38 14.54 -21.96
N LEU E 46 -21.54 15.53 -21.62
CA LEU E 46 -20.40 15.87 -22.47
C LEU E 46 -19.45 14.69 -22.63
N LYS E 47 -19.21 13.95 -21.56
CA LYS E 47 -18.37 12.76 -21.67
C LYS E 47 -19.06 11.63 -22.40
N CYS E 48 -20.40 11.64 -22.47
CA CYS E 48 -21.09 10.67 -23.32
C CYS E 48 -21.03 11.10 -24.78
N LEU E 49 -21.15 12.40 -25.02
CA LEU E 49 -21.18 13.00 -26.35
C LEU E 49 -19.82 12.91 -27.04
N LEU E 50 -18.86 13.74 -26.63
CA LEU E 50 -17.46 13.45 -26.95
C LEU E 50 -17.05 12.28 -26.07
N GLY E 51 -16.76 11.14 -26.68
CA GLY E 51 -16.50 9.95 -25.92
C GLY E 51 -17.17 8.80 -26.63
N GLN E 52 -18.28 9.12 -27.31
CA GLN E 52 -18.84 8.17 -28.24
C GLN E 52 -18.00 8.09 -29.50
N VAL E 53 -17.26 9.15 -29.82
CA VAL E 53 -16.27 9.12 -30.90
C VAL E 53 -15.28 7.99 -30.67
N GLU E 54 -14.78 7.86 -29.44
CA GLU E 54 -13.86 6.77 -29.14
C GLU E 54 -14.54 5.41 -29.33
N LEU E 55 -15.82 5.31 -28.98
CA LEU E 55 -16.55 4.07 -29.16
C LEU E 55 -16.62 3.68 -30.64
N PHE E 56 -16.97 4.65 -31.50
CA PHE E 56 -16.94 4.41 -32.93
C PHE E 56 -15.54 4.04 -33.40
N ILE E 57 -14.55 4.83 -32.99
CA ILE E 57 -13.19 4.67 -33.49
C ILE E 57 -12.64 3.30 -33.11
N VAL E 58 -12.83 2.90 -31.85
CA VAL E 58 -12.41 1.57 -31.42
C VAL E 58 -13.12 0.49 -32.23
N ALA E 59 -14.41 0.70 -32.53
CA ALA E 59 -15.15 -0.26 -33.34
C ALA E 59 -14.55 -0.38 -34.74
N GLY E 60 -14.07 0.73 -35.31
CA GLY E 60 -13.58 0.69 -36.67
C GLY E 60 -12.13 0.25 -36.81
N LYS E 61 -11.28 0.60 -35.84
CA LYS E 61 -9.88 0.21 -35.85
C LYS E 61 -9.65 -1.22 -35.40
N SER E 62 -10.71 -1.92 -35.02
CA SER E 62 -10.63 -3.31 -34.63
C SER E 62 -11.88 -3.97 -35.22
N ASN E 63 -12.26 -5.10 -34.64
CA ASN E 63 -13.52 -5.75 -34.98
C ASN E 63 -13.77 -6.87 -34.00
N GLN E 64 -14.79 -6.71 -33.18
CA GLN E 64 -15.27 -7.78 -32.34
C GLN E 64 -16.77 -7.85 -32.37
N VAL E 65 -17.42 -6.87 -32.99
CA VAL E 65 -18.88 -6.67 -33.05
C VAL E 65 -19.44 -6.32 -31.68
N SER E 66 -18.78 -6.76 -30.61
CA SER E 66 -19.09 -6.24 -29.30
C SER E 66 -18.73 -4.77 -29.23
N LYS E 67 -17.67 -4.37 -29.94
CA LYS E 67 -17.30 -2.96 -30.02
C LYS E 67 -18.29 -2.20 -30.89
N LEU E 68 -18.88 -2.87 -31.88
CA LEU E 68 -19.93 -2.28 -32.70
C LEU E 68 -21.28 -2.26 -32.00
N TYR E 69 -21.43 -3.03 -30.92
CA TYR E 69 -22.59 -2.93 -30.06
C TYR E 69 -22.39 -1.87 -28.98
N ALA E 70 -21.18 -1.79 -28.44
CA ALA E 70 -20.86 -0.74 -27.47
C ALA E 70 -21.01 0.64 -28.10
N ALA E 71 -20.72 0.77 -29.39
CA ALA E 71 -21.02 2.02 -30.09
C ALA E 71 -22.51 2.27 -30.15
N ASP E 72 -23.31 1.23 -30.38
CA ASP E 72 -24.76 1.36 -30.39
C ASP E 72 -25.29 1.70 -29.00
N ALA E 73 -24.78 1.03 -27.97
CA ALA E 73 -25.11 1.37 -26.59
C ALA E 73 -24.82 2.83 -26.28
N GLY E 74 -23.69 3.34 -26.77
CA GLY E 74 -23.37 4.74 -26.54
C GLY E 74 -24.32 5.68 -27.23
N LEU E 75 -24.69 5.36 -28.48
CA LEU E 75 -25.72 6.12 -29.18
C LEU E 75 -27.05 6.06 -28.44
N ALA E 76 -27.39 4.88 -27.90
CA ALA E 76 -28.60 4.74 -27.12
C ALA E 76 -28.54 5.55 -25.83
N MET E 77 -27.39 5.54 -25.17
CA MET E 77 -27.20 6.36 -23.98
C MET E 77 -27.30 7.84 -24.32
N LEU E 78 -26.73 8.24 -25.46
CA LEU E 78 -26.85 9.61 -25.91
C LEU E 78 -28.31 9.99 -26.13
N ARG E 79 -29.10 9.07 -26.71
CA ARG E 79 -30.53 9.30 -26.83
C ARG E 79 -31.20 9.40 -25.46
N PHE E 80 -30.77 8.57 -24.50
CA PHE E 80 -31.27 8.76 -23.13
C PHE E 80 -30.98 10.16 -22.64
N TRP E 81 -29.72 10.60 -22.79
CA TRP E 81 -29.33 11.91 -22.30
C TRP E 81 -30.22 13.00 -22.87
N LEU E 82 -30.55 12.91 -24.15
CA LEU E 82 -31.47 13.86 -24.74
C LEU E 82 -32.80 13.86 -24.00
N ARG E 83 -33.43 12.69 -23.85
CA ARG E 83 -34.73 12.65 -23.19
C ARG E 83 -34.62 13.05 -21.72
N PHE E 84 -33.50 12.71 -21.07
CA PHE E 84 -33.30 13.13 -19.68
C PHE E 84 -33.16 14.65 -19.59
N LEU E 85 -32.25 15.24 -20.38
CA LEU E 85 -32.05 16.69 -20.33
C LEU E 85 -33.30 17.45 -20.75
N ALA E 86 -34.13 16.87 -21.62
CA ALA E 86 -35.41 17.47 -21.95
C ALA E 86 -36.36 17.27 -20.78
N GLY E 87 -36.61 18.33 -20.03
CA GLY E 87 -37.45 18.22 -18.86
C GLY E 87 -36.67 17.67 -17.68
N ILE E 88 -35.49 18.24 -17.42
CA ILE E 88 -34.68 17.81 -16.30
C ILE E 88 -35.15 18.51 -15.01
N GLN E 89 -35.47 19.81 -15.08
CA GLN E 89 -35.96 20.53 -13.92
C GLN E 89 -36.31 21.99 -14.19
N LYS E 90 -36.14 22.84 -13.17
CA LYS E 90 -36.48 24.26 -13.26
C LYS E 90 -35.38 25.05 -13.94
N PRO E 91 -34.09 24.90 -13.57
CA PRO E 91 -33.05 25.41 -14.45
C PRO E 91 -33.08 24.60 -15.74
N HIS E 92 -33.86 25.06 -16.70
CA HIS E 92 -34.12 24.27 -17.90
C HIS E 92 -32.83 24.00 -18.66
N ALA E 93 -32.74 22.78 -19.19
CA ALA E 93 -31.63 22.45 -20.06
C ALA E 93 -32.14 22.33 -21.50
N MET E 94 -31.70 21.29 -22.21
CA MET E 94 -32.09 21.08 -23.60
C MET E 94 -33.61 21.21 -23.81
N THR E 95 -34.02 22.27 -24.49
CA THR E 95 -35.42 22.46 -24.82
C THR E 95 -35.90 21.35 -25.75
N PRO E 96 -37.20 21.04 -25.75
CA PRO E 96 -37.70 19.95 -26.61
C PRO E 96 -37.33 20.11 -28.06
N HIS E 97 -37.31 21.34 -28.59
CA HIS E 97 -36.87 21.53 -29.97
C HIS E 97 -35.46 21.00 -30.16
N GLN E 98 -34.55 21.39 -29.27
CA GLN E 98 -33.17 20.93 -29.37
C GLN E 98 -33.08 19.41 -29.35
N VAL E 99 -33.89 18.76 -28.51
CA VAL E 99 -33.96 17.30 -28.48
C VAL E 99 -34.43 16.77 -29.81
N GLU E 100 -35.45 17.39 -30.40
CA GLU E 100 -35.96 16.95 -31.70
C GLU E 100 -34.88 17.08 -32.77
N THR E 101 -34.23 18.24 -32.84
CA THR E 101 -33.15 18.46 -33.82
C THR E 101 -32.01 17.47 -33.62
N ALA E 102 -31.56 17.32 -32.36
CA ALA E 102 -30.47 16.41 -32.07
C ALA E 102 -30.86 14.97 -32.37
N GLN E 103 -32.08 14.57 -32.01
CA GLN E 103 -32.54 13.21 -32.30
C GLN E 103 -32.49 12.90 -33.79
N VAL E 104 -32.75 13.89 -34.64
CA VAL E 104 -32.64 13.71 -36.08
C VAL E 104 -31.21 13.39 -36.47
N LEU E 105 -30.26 14.17 -35.96
CA LEU E 105 -28.84 13.95 -36.25
C LEU E 105 -28.37 12.63 -35.70
N ILE E 106 -28.74 12.32 -34.45
CA ILE E 106 -28.36 11.04 -33.87
C ILE E 106 -29.02 9.89 -34.62
N ALA E 107 -30.25 10.11 -35.12
CA ALA E 107 -30.90 9.10 -35.92
C ALA E 107 -30.13 8.83 -37.21
N GLU E 108 -29.59 9.88 -37.83
CA GLU E 108 -28.79 9.70 -39.04
C GLU E 108 -27.56 8.85 -38.74
N VAL E 109 -26.84 9.15 -37.66
CA VAL E 109 -25.72 8.30 -37.30
C VAL E 109 -26.21 6.94 -36.80
N GLY E 110 -27.43 6.89 -36.24
CA GLY E 110 -28.01 5.60 -35.90
C GLY E 110 -28.23 4.74 -37.12
N ARG E 111 -28.77 5.32 -38.19
CA ARG E 111 -28.99 4.57 -39.42
C ARG E 111 -27.68 4.01 -39.97
N ILE E 112 -26.64 4.84 -40.01
CA ILE E 112 -25.33 4.41 -40.52
C ILE E 112 -24.75 3.31 -39.64
N LEU E 113 -24.87 3.45 -38.32
CA LEU E 113 -24.43 2.41 -37.40
C LEU E 113 -25.19 1.12 -37.66
N GLY E 114 -26.52 1.20 -37.83
CA GLY E 114 -27.30 0.02 -38.11
C GLY E 114 -26.88 -0.67 -39.40
N SER E 115 -26.76 0.11 -40.48
CA SER E 115 -26.28 -0.46 -41.74
C SER E 115 -24.92 -1.09 -41.59
N TRP E 116 -24.03 -0.46 -40.81
CA TRP E 116 -22.70 -0.99 -40.59
C TRP E 116 -22.74 -2.27 -39.76
N ILE E 117 -23.54 -2.29 -38.69
CA ILE E 117 -23.76 -3.52 -37.94
C ILE E 117 -24.24 -4.62 -38.88
N ALA E 118 -25.19 -4.28 -39.76
CA ALA E 118 -25.74 -5.25 -40.68
C ALA E 118 -24.69 -5.71 -41.69
N ARG E 119 -23.92 -4.78 -42.25
CA ARG E 119 -22.94 -5.18 -43.25
C ARG E 119 -21.87 -6.08 -42.65
N VAL E 120 -21.56 -5.90 -41.36
CA VAL E 120 -20.65 -6.81 -40.67
C VAL E 120 -21.35 -8.15 -40.39
N ASN E 121 -22.64 -8.10 -40.06
CA ASN E 121 -23.40 -9.30 -39.79
C ASN E 121 -23.90 -10.00 -41.05
N GLN F 13 9.49 -2.35 -29.93
CA GLN F 13 9.49 -0.98 -30.44
C GLN F 13 9.15 -0.02 -29.32
N MET F 14 10.19 0.52 -28.67
CA MET F 14 10.01 1.55 -27.66
C MET F 14 10.49 2.92 -28.14
N LEU F 15 10.92 3.02 -29.41
CA LEU F 15 10.98 4.33 -30.03
C LEU F 15 9.59 4.88 -30.28
N ILE F 16 8.58 4.02 -30.30
CA ILE F 16 7.17 4.45 -30.31
C ILE F 16 6.92 5.47 -29.22
N VAL F 17 7.13 5.07 -27.96
CA VAL F 17 6.90 5.97 -26.85
C VAL F 17 7.76 7.21 -27.00
N GLU F 18 9.03 7.04 -27.36
CA GLU F 18 9.92 8.20 -27.44
C GLU F 18 9.72 9.04 -28.68
N ARG F 19 8.92 8.58 -29.64
CA ARG F 19 8.45 9.47 -30.70
C ARG F 19 7.12 10.10 -30.30
N TYR F 20 6.25 9.30 -29.66
CA TYR F 20 5.01 9.83 -29.13
C TYR F 20 5.26 10.88 -28.06
N GLU F 21 6.36 10.78 -27.32
CA GLU F 21 6.63 11.76 -26.27
C GLU F 21 6.95 13.13 -26.82
N ARG F 22 7.10 13.27 -28.14
CA ARG F 22 7.17 14.57 -28.78
C ARG F 22 5.81 15.05 -29.26
N VAL F 23 4.89 14.12 -29.56
CA VAL F 23 3.47 14.48 -29.67
C VAL F 23 2.99 15.10 -28.37
N ILE F 24 3.15 14.38 -27.26
CA ILE F 24 2.81 14.91 -25.95
C ILE F 24 3.48 16.25 -25.72
N SER F 25 4.79 16.32 -26.00
CA SER F 25 5.51 17.57 -25.72
C SER F 25 4.99 18.72 -26.56
N TYR F 26 4.40 18.44 -27.71
CA TYR F 26 3.80 19.49 -28.50
C TYR F 26 2.36 19.77 -28.10
N LEU F 27 1.59 18.69 -27.88
CA LEU F 27 0.16 18.81 -27.64
C LEU F 27 -0.16 19.18 -26.20
N TYR F 28 0.61 18.67 -25.22
CA TYR F 28 0.28 19.03 -23.85
C TYR F 28 0.28 20.53 -23.63
N PRO F 29 1.30 21.30 -24.07
CA PRO F 29 1.21 22.76 -23.93
C PRO F 29 -0.05 23.38 -24.50
N ILE F 30 -0.56 22.89 -25.64
CA ILE F 30 -1.76 23.48 -26.22
C ILE F 30 -3.03 22.80 -25.72
N ALA F 31 -2.91 21.67 -25.03
CA ALA F 31 -4.05 21.08 -24.32
C ALA F 31 -4.28 21.74 -22.99
N GLN F 32 -3.20 22.19 -22.34
CA GLN F 32 -3.36 22.97 -21.09
C GLN F 32 -3.81 24.37 -21.47
N SER F 33 -3.73 24.72 -22.75
CA SER F 33 -4.22 26.02 -23.18
C SER F 33 -5.74 26.05 -23.28
N ILE F 34 -6.36 24.92 -23.63
CA ILE F 34 -7.80 24.87 -23.80
C ILE F 34 -8.47 25.45 -22.56
N PRO F 35 -9.34 26.45 -22.69
CA PRO F 35 -9.88 27.14 -21.51
C PRO F 35 -10.82 26.24 -20.71
N ARG F 36 -11.14 26.68 -19.47
CA ARG F 36 -12.12 25.98 -18.66
C ARG F 36 -13.39 25.77 -19.45
N LYS F 37 -13.85 26.81 -20.12
CA LYS F 37 -14.99 26.79 -21.01
C LYS F 37 -15.07 25.42 -21.66
N HIS F 38 -13.95 24.94 -22.14
CA HIS F 38 -13.90 23.65 -22.80
C HIS F 38 -13.20 22.63 -21.90
N GLY F 39 -13.66 22.56 -20.65
CA GLY F 39 -12.99 21.79 -19.62
C GLY F 39 -13.18 20.30 -19.73
N VAL F 40 -14.40 19.87 -20.03
CA VAL F 40 -14.63 18.44 -20.24
C VAL F 40 -13.90 17.96 -21.48
N ALA F 41 -13.99 18.72 -22.58
CA ALA F 41 -13.21 18.37 -23.77
C ALA F 41 -11.73 18.28 -23.44
N ARG F 42 -11.23 19.25 -22.66
CA ARG F 42 -9.82 19.23 -22.26
C ARG F 42 -9.48 17.99 -21.46
N GLU F 43 -10.19 17.77 -20.35
CA GLU F 43 -9.92 16.60 -19.53
C GLU F 43 -9.91 15.32 -20.36
N MET F 44 -10.89 15.20 -21.26
CA MET F 44 -10.97 14.02 -22.12
C MET F 44 -9.85 13.99 -23.14
N PHE F 45 -9.48 15.15 -23.69
CA PHE F 45 -8.35 15.22 -24.60
C PHE F 45 -7.05 14.86 -23.89
N LEU F 46 -6.83 15.44 -22.71
CA LEU F 46 -5.64 15.13 -21.94
C LEU F 46 -5.58 13.66 -21.56
N LYS F 47 -6.73 13.08 -21.19
CA LYS F 47 -6.74 11.65 -20.87
C LYS F 47 -6.52 10.81 -22.12
N CYS F 48 -6.88 11.33 -23.30
CA CYS F 48 -6.58 10.64 -24.53
C CYS F 48 -5.11 10.77 -24.90
N LEU F 49 -4.57 11.98 -24.72
CA LEU F 49 -3.20 12.27 -25.11
C LEU F 49 -2.20 11.58 -24.19
N LEU F 50 -2.20 11.96 -22.90
CA LEU F 50 -1.30 11.40 -21.90
C LEU F 50 -1.60 9.95 -21.58
N GLY F 51 -2.78 9.43 -21.94
CA GLY F 51 -3.17 8.08 -21.61
C GLY F 51 -2.94 7.11 -22.73
N GLN F 52 -2.53 7.61 -23.90
CA GLN F 52 -2.10 6.76 -25.00
C GLN F 52 -0.79 6.04 -24.67
N VAL F 53 0.03 6.64 -23.82
CA VAL F 53 1.28 6.01 -23.37
C VAL F 53 0.97 4.67 -22.72
N GLU F 54 -0.07 4.62 -21.87
CA GLU F 54 -0.48 3.36 -21.27
C GLU F 54 -0.96 2.37 -22.32
N LEU F 55 -1.64 2.85 -23.37
CA LEU F 55 -2.06 1.98 -24.46
C LEU F 55 -0.86 1.35 -25.16
N PHE F 56 0.16 2.16 -25.47
CA PHE F 56 1.38 1.64 -26.06
C PHE F 56 2.07 0.68 -25.10
N ILE F 57 2.20 1.09 -23.83
CA ILE F 57 2.91 0.28 -22.84
C ILE F 57 2.28 -1.10 -22.72
N VAL F 58 0.95 -1.16 -22.58
CA VAL F 58 0.25 -2.44 -22.51
C VAL F 58 0.49 -3.25 -23.76
N ALA F 59 0.52 -2.58 -24.92
CA ALA F 59 0.78 -3.28 -26.18
C ALA F 59 2.17 -3.90 -26.19
N GLY F 60 3.17 -3.18 -25.65
CA GLY F 60 4.53 -3.64 -25.65
C GLY F 60 4.88 -4.64 -24.56
N LYS F 61 4.02 -4.81 -23.56
CA LYS F 61 4.18 -5.87 -22.57
C LYS F 61 3.44 -7.15 -22.96
N SER F 62 2.87 -7.20 -24.16
CA SER F 62 2.06 -8.35 -24.56
C SER F 62 2.31 -8.70 -26.03
N ASN F 63 2.40 -7.68 -26.88
CA ASN F 63 2.56 -7.85 -28.32
C ASN F 63 1.40 -8.64 -28.92
N GLN F 64 0.24 -8.56 -28.27
CA GLN F 64 -1.05 -8.96 -28.82
C GLN F 64 -1.51 -7.89 -29.82
N VAL F 65 -2.04 -8.32 -30.97
CA VAL F 65 -2.49 -7.32 -31.94
C VAL F 65 -3.73 -6.58 -31.46
N SER F 66 -4.54 -7.19 -30.60
CA SER F 66 -5.68 -6.46 -30.03
C SER F 66 -5.23 -5.20 -29.30
N LYS F 67 -4.19 -5.31 -28.47
CA LYS F 67 -3.65 -4.13 -27.80
C LYS F 67 -3.01 -3.17 -28.79
N LEU F 68 -2.47 -3.70 -29.89
CA LEU F 68 -1.90 -2.85 -30.94
C LEU F 68 -2.98 -2.09 -31.70
N TYR F 69 -4.16 -2.70 -31.89
CA TYR F 69 -5.27 -2.01 -32.51
C TYR F 69 -5.88 -0.98 -31.57
N ALA F 70 -5.89 -1.27 -30.26
CA ALA F 70 -6.35 -0.30 -29.28
C ALA F 70 -5.43 0.93 -29.27
N ALA F 71 -4.14 0.71 -29.50
CA ALA F 71 -3.22 1.84 -29.66
C ALA F 71 -3.55 2.64 -30.92
N ASP F 72 -3.92 1.95 -31.99
CA ASP F 72 -4.31 2.62 -33.22
C ASP F 72 -5.61 3.40 -33.03
N ALA F 73 -6.59 2.79 -32.36
CA ALA F 73 -7.82 3.49 -32.01
C ALA F 73 -7.53 4.76 -31.22
N GLY F 74 -6.58 4.69 -30.28
CA GLY F 74 -6.24 5.88 -29.52
C GLY F 74 -5.63 6.97 -30.38
N LEU F 75 -4.74 6.59 -31.31
CA LEU F 75 -4.20 7.56 -32.26
C LEU F 75 -5.29 8.14 -33.13
N ALA F 76 -6.27 7.30 -33.53
CA ALA F 76 -7.39 7.79 -34.31
C ALA F 76 -8.25 8.74 -33.51
N MET F 77 -8.48 8.41 -32.24
CA MET F 77 -9.23 9.31 -31.36
C MET F 77 -8.47 10.62 -31.15
N LEU F 78 -7.14 10.53 -31.04
CA LEU F 78 -6.32 11.74 -30.93
C LEU F 78 -6.45 12.60 -32.17
N ARG F 79 -6.49 11.98 -33.36
CA ARG F 79 -6.78 12.71 -34.60
C ARG F 79 -8.14 13.37 -34.54
N PHE F 80 -9.15 12.66 -34.02
CA PHE F 80 -10.45 13.29 -33.83
C PHE F 80 -10.32 14.52 -32.96
N TRP F 81 -9.63 14.39 -31.82
CA TRP F 81 -9.50 15.50 -30.90
C TRP F 81 -8.90 16.73 -31.58
N LEU F 82 -7.91 16.51 -32.45
CA LEU F 82 -7.35 17.63 -33.21
C LEU F 82 -8.45 18.33 -34.02
N ARG F 83 -9.20 17.57 -34.83
CA ARG F 83 -10.22 18.19 -35.66
C ARG F 83 -11.32 18.80 -34.80
N PHE F 84 -11.64 18.17 -33.66
CA PHE F 84 -12.64 18.77 -32.76
C PHE F 84 -12.13 20.07 -32.18
N LEU F 85 -10.92 20.06 -31.59
CA LEU F 85 -10.37 21.26 -30.97
C LEU F 85 -10.15 22.39 -31.96
N ALA F 86 -10.03 22.08 -33.25
CA ALA F 86 -9.95 23.11 -34.28
C ALA F 86 -11.20 23.97 -34.24
N GLY F 87 -12.35 23.38 -34.52
CA GLY F 87 -13.60 24.14 -34.52
C GLY F 87 -14.29 24.18 -33.17
N ILE F 88 -13.60 24.67 -32.14
CA ILE F 88 -14.14 24.74 -30.80
C ILE F 88 -14.53 26.17 -30.43
N GLN F 89 -14.53 27.09 -31.41
CA GLN F 89 -14.95 28.49 -31.28
C GLN F 89 -14.00 29.34 -30.45
N LYS F 90 -14.26 30.66 -30.44
CA LYS F 90 -13.58 31.68 -29.65
C LYS F 90 -12.11 31.82 -30.04
N PRO F 91 -11.41 32.84 -29.52
CA PRO F 91 -9.95 32.88 -29.64
C PRO F 91 -9.30 31.91 -28.67
N HIS F 92 -9.78 30.67 -28.70
CA HIS F 92 -9.32 29.63 -27.78
C HIS F 92 -9.24 28.29 -28.48
N ALA F 93 -9.02 28.30 -29.79
CA ALA F 93 -9.09 27.12 -30.61
C ALA F 93 -7.69 26.73 -31.07
N MET F 94 -7.48 25.43 -31.19
CA MET F 94 -6.24 24.93 -31.77
C MET F 94 -6.09 25.46 -33.18
N THR F 95 -5.08 26.30 -33.41
CA THR F 95 -4.92 26.96 -34.70
C THR F 95 -4.72 25.92 -35.80
N PRO F 96 -5.18 26.22 -37.02
CA PRO F 96 -5.08 25.22 -38.10
C PRO F 96 -3.67 24.69 -38.32
N HIS F 97 -2.66 25.57 -38.23
CA HIS F 97 -1.26 25.18 -38.24
C HIS F 97 -1.02 24.02 -37.28
N GLN F 98 -1.36 24.21 -36.01
CA GLN F 98 -1.09 23.20 -34.99
C GLN F 98 -1.79 21.89 -35.29
N VAL F 99 -3.01 21.95 -35.82
CA VAL F 99 -3.68 20.72 -36.25
C VAL F 99 -2.84 19.99 -37.29
N GLU F 100 -2.32 20.71 -38.28
CA GLU F 100 -1.51 20.09 -39.31
C GLU F 100 -0.13 19.68 -38.78
N THR F 101 0.51 20.56 -38.00
CA THR F 101 1.84 20.27 -37.46
C THR F 101 1.84 19.34 -36.25
N ALA F 102 0.68 18.86 -35.83
CA ALA F 102 0.60 17.74 -34.91
C ALA F 102 0.15 16.47 -35.61
N GLN F 103 -0.74 16.62 -36.59
CA GLN F 103 -1.05 15.50 -37.46
C GLN F 103 0.19 14.92 -38.09
N VAL F 104 1.19 15.75 -38.40
CA VAL F 104 2.47 15.25 -38.88
C VAL F 104 3.15 14.38 -37.83
N LEU F 105 3.20 14.89 -36.59
CA LEU F 105 3.79 14.13 -35.48
C LEU F 105 3.04 12.83 -35.24
N ILE F 106 1.70 12.90 -35.16
CA ILE F 106 0.90 11.70 -34.95
C ILE F 106 1.04 10.76 -36.14
N ALA F 107 1.19 11.31 -37.35
CA ALA F 107 1.40 10.48 -38.52
C ALA F 107 2.70 9.70 -38.43
N GLU F 108 3.75 10.33 -37.90
CA GLU F 108 5.02 9.62 -37.71
C GLU F 108 4.83 8.45 -36.75
N VAL F 109 4.16 8.69 -35.61
CA VAL F 109 3.79 7.59 -34.71
C VAL F 109 2.87 6.60 -35.43
N GLY F 110 1.98 7.12 -36.28
CA GLY F 110 1.11 6.22 -37.03
C GLY F 110 1.89 5.29 -37.93
N ARG F 111 2.88 5.84 -38.65
CA ARG F 111 3.73 5.01 -39.51
C ARG F 111 4.37 3.88 -38.73
N ILE F 112 4.98 4.21 -37.58
CA ILE F 112 5.68 3.20 -36.79
C ILE F 112 4.70 2.18 -36.23
N LEU F 113 3.53 2.64 -35.79
CA LEU F 113 2.48 1.72 -35.35
C LEU F 113 2.06 0.80 -36.48
N GLY F 114 1.88 1.34 -37.68
CA GLY F 114 1.52 0.51 -38.82
C GLY F 114 2.57 -0.54 -39.12
N SER F 115 3.85 -0.13 -39.16
CA SER F 115 4.92 -1.10 -39.39
C SER F 115 4.94 -2.15 -38.29
N TRP F 116 4.69 -1.74 -37.06
CA TRP F 116 4.65 -2.66 -35.92
C TRP F 116 3.47 -3.62 -36.04
N ILE F 117 2.29 -3.11 -36.38
CA ILE F 117 1.15 -3.96 -36.67
C ILE F 117 1.49 -4.97 -37.75
N ALA F 118 2.17 -4.51 -38.81
CA ALA F 118 2.54 -5.39 -39.91
C ALA F 118 3.58 -6.42 -39.49
N ARG F 119 4.62 -5.98 -38.78
CA ARG F 119 5.64 -6.89 -38.25
C ARG F 119 5.01 -8.04 -37.48
N VAL F 120 4.00 -7.73 -36.66
CA VAL F 120 3.30 -8.75 -35.89
C VAL F 120 2.38 -9.57 -36.78
N ASN F 121 1.69 -8.92 -37.71
CA ASN F 121 0.69 -9.62 -38.52
C ASN F 121 1.35 -10.59 -39.50
N ARG F 122 2.40 -10.15 -40.19
CA ARG F 122 3.27 -11.10 -40.91
C ARG F 122 4.44 -11.45 -39.98
N LYS F 123 4.12 -12.27 -38.96
CA LYS F 123 5.06 -12.73 -37.95
C LYS F 123 6.48 -12.93 -38.49
#